data_9EYW
#
_entry.id   9EYW
#
_cell.length_a   100.888
_cell.length_b   139.528
_cell.length_c   178.638
_cell.angle_alpha   90.00
_cell.angle_beta   90.00
_cell.angle_gamma   90.00
#
_symmetry.space_group_name_H-M   'I 2 2 2'
#
loop_
_entity.id
_entity.type
_entity.pdbx_description
1 polymer 'Protein arginine N-methyltransferase 5, N-terminally processed'
2 polymer 'Methylosome protein WDR77'
3 non-polymer "(3~{S})-2-[(5-azanyl-1~{H}-pyrrolo[3,2-b]pyridin-2-yl)methyl]-6-fluoranyl-1'-[(4-fluorophenyl)methyl]spiro[isoindole-3,3'-pyrrolidine]-1,2'-dione"
4 non-polymer "5'-DEOXY-5'-METHYLTHIOADENOSINE"
5 non-polymer 'SULFATE ION'
6 water water
#
loop_
_entity_poly.entity_id
_entity_poly.type
_entity_poly.pdbx_seq_one_letter_code
_entity_poly.pdbx_strand_id
1 'polypeptide(L)'
;MAAMAVGGAGGSRVSSGRDLNCVPEIADTLGAVAKQGFDFLCMPVFHPRFKREFIQEPAKNRPGPQTRSDLLLSGRDWNT
LIVGKLSPWIRPDSKVEKIRRNSEAAMLQELNFGAYLGLPAFLLPLNQEDNTNLARVLTNHIHTGHHSSMFWMRVPLVAP
EDLRDDIIENAPTTHTEEYSGEEKTWMWWHNFRTLCDYSKRIAVALEIGADLPSNHVIDRWLGEPIKAAILPTSIFLTNK
KGFPVLSKMHQRLIFRLLKLEVQFIITGTNHHSEKEFCSYLQYLEYLSQNRPPPNAYELFAKGYEDYLQSPLQPLMDNLE
SQTYEVFEKDPIKYSQYQQAIYKCLLDRVPEEEKDTNVQVLMVLGAGRGPLVNASLRAAKQADRRIKLYAVEKNPNAVVT
LENWQFEEWGSQVTVVSSDMREWVAPEKADIIVSELLGSFADNELSPECLDGAQHFLKDDGVSIPGEYTSFLAPISSSKL
YNEVRACREKDRDPEAQFEMPYVVRLHNFHQLSAPQPCFTFSHPNRDPMIDNNRYCTLEFPVEVNTVLHGFAGYFETVLY
QDITLSIRPETHSPGMFSWFPILFPIKQPITVREGQTICVRFWRCSNSKKVWYEWAVTAPVCSAIHNPTGRSYTIGL
;
A
2 'polypeptide(L)'
;MRKETPPPLVPPAAREWNLPPNAPACMERQLEAARYRSDGALLLGASSLSGRCWAGSLWLFKDPCAAPNEGFCSAGVQTE
AGVADLTWVGERGILVASDSGAVELWELDENETLIVSKFCKYEHDDIVSTVSVLSSGTQAVSGSKDICIKVWDLAQQVVL
SSYRAHAAQVTCVAASPHKDSVFLSCSEDNRILLWDTRCPKPASQIGCSAPGYLPTSLAWHPQQSEVFVFGDENGTVSLV
DTKSTSCVLSSAVHSQCVTGLVFSPHSVPFLASLSEDCSLAVLDSSLSELFRSQAHRDFVRDATWSPLNHSLLTTVGWDH
QVVHHVVPTEPLPAPGPASVTE
;
B
#
loop_
_chem_comp.id
_chem_comp.type
_chem_comp.name
_chem_comp.formula
A1H8B non-polymer (3~{S})-2-[(5-azanyl-1~{H}-pyrrolo[3,2-b]pyridin-2-yl)methyl]-6-fluoranyl-1'-[(4-fluorophenyl)methyl]spiro[isoindole-3,3'-pyrrolidine]-1,2'-dione 'C26 H21 F2 N5 O2'
MTA non-polymer 5'-DEOXY-5'-METHYLTHIOADENOSINE 'C11 H15 N5 O3 S'
SO4 non-polymer 'SULFATE ION' 'O4 S -2'
#
# COMPACT_ATOMS: atom_id res chain seq x y z
N ARG A 13 -8.98 -0.75 19.24
CA ARG A 13 -9.89 -1.25 18.17
C ARG A 13 -9.16 -1.28 16.83
N VAL A 14 -8.50 -0.17 16.48
CA VAL A 14 -7.80 -0.04 15.21
C VAL A 14 -6.31 -0.29 15.44
N SER A 15 -5.69 -1.05 14.51
CA SER A 15 -4.28 -1.36 14.56
C SER A 15 -3.49 -0.24 13.89
N SER A 16 -2.57 0.39 14.63
CA SER A 16 -1.89 1.58 14.16
C SER A 16 -0.39 1.51 14.46
N GLY A 17 0.40 2.13 13.59
CA GLY A 17 1.86 2.20 13.74
C GLY A 17 2.36 3.63 13.52
N ARG A 18 3.67 3.82 13.74
CA ARG A 18 4.30 5.12 13.64
C ARG A 18 5.49 5.03 12.70
N ASP A 19 5.53 5.94 11.70
CA ASP A 19 6.64 6.02 10.77
C ASP A 19 7.60 7.12 11.25
N LEU A 20 8.89 6.76 11.36
CA LEU A 20 9.94 7.70 11.68
C LEU A 20 11.13 7.44 10.76
N ASN A 21 11.86 8.51 10.42
CA ASN A 21 13.08 8.39 9.63
C ASN A 21 14.26 8.89 10.46
N CYS A 22 14.06 8.99 11.78
CA CYS A 22 15.07 9.49 12.70
C CYS A 22 14.92 8.81 14.06
N VAL A 23 15.86 7.91 14.37
CA VAL A 23 15.84 7.15 15.60
C VAL A 23 17.23 7.24 16.24
N PRO A 24 17.44 8.19 17.19
CA PRO A 24 18.75 8.34 17.83
C PRO A 24 19.05 7.27 18.89
N GLU A 25 18.00 6.73 19.51
CA GLU A 25 18.13 5.63 20.45
C GLU A 25 16.91 4.73 20.31
N ILE A 26 17.15 3.49 19.86
CA ILE A 26 16.08 2.59 19.42
C ILE A 26 15.19 2.19 20.61
N ALA A 27 15.79 2.05 21.79
CA ALA A 27 15.07 1.66 22.99
C ALA A 27 14.15 2.78 23.45
N ASP A 28 14.68 4.02 23.43
CA ASP A 28 13.94 5.19 23.88
C ASP A 28 12.80 5.51 22.92
N THR A 29 13.07 5.38 21.61
CA THR A 29 12.11 5.73 20.58
C THR A 29 10.84 4.88 20.73
N LEU A 30 11.03 3.56 20.88
CA LEU A 30 9.91 2.63 21.02
C LEU A 30 9.04 3.03 22.20
N GLY A 31 9.67 3.25 23.36
CA GLY A 31 8.97 3.60 24.58
C GLY A 31 8.01 4.77 24.38
N ALA A 32 8.49 5.82 23.70
CA ALA A 32 7.69 6.99 23.39
C ALA A 32 6.52 6.60 22.47
N VAL A 33 6.83 5.82 21.45
CA VAL A 33 5.84 5.39 20.46
C VAL A 33 4.77 4.53 21.13
N ALA A 34 5.21 3.63 22.03
CA ALA A 34 4.31 2.69 22.69
C ALA A 34 3.40 3.42 23.68
N LYS A 35 3.94 4.46 24.34
CA LYS A 35 3.20 5.23 25.32
C LYS A 35 2.04 5.99 24.66
N GLN A 36 2.20 6.32 23.36
CA GLN A 36 1.22 7.10 22.64
C GLN A 36 0.10 6.22 22.10
N GLY A 37 0.30 4.90 22.13
CA GLY A 37 -0.76 3.94 21.83
C GLY A 37 -0.55 3.20 20.51
N PHE A 38 0.61 3.40 19.88
CA PHE A 38 0.93 2.74 18.62
C PHE A 38 1.28 1.28 18.89
N ASP A 39 1.05 0.43 17.88
CA ASP A 39 1.25 -1.00 18.00
C ASP A 39 2.64 -1.39 17.49
N PHE A 40 3.16 -0.66 16.49
CA PHE A 40 4.46 -0.96 15.92
C PHE A 40 5.14 0.33 15.46
N LEU A 41 6.37 0.20 14.95
CA LEU A 41 7.20 1.34 14.59
C LEU A 41 7.91 1.07 13.28
N CYS A 42 7.62 1.88 12.26
CA CYS A 42 8.36 1.86 11.01
C CYS A 42 9.61 2.72 11.17
N MET A 43 10.78 2.14 10.93
CA MET A 43 12.05 2.82 11.18
C MET A 43 13.15 2.19 10.33
N PRO A 44 14.27 2.90 10.08
CA PRO A 44 15.38 2.36 9.27
C PRO A 44 16.29 1.40 10.04
N VAL A 45 16.92 0.48 9.30
CA VAL A 45 17.83 -0.50 9.86
C VAL A 45 19.27 0.02 9.76
N PHE A 46 19.56 0.79 8.71
CA PHE A 46 20.80 1.54 8.59
C PHE A 46 20.44 3.02 8.57
N HIS A 47 21.35 3.87 9.06
CA HIS A 47 21.09 5.30 9.14
C HIS A 47 20.81 5.84 7.75
N PRO A 48 19.65 6.50 7.52
CA PRO A 48 19.27 6.99 6.19
C PRO A 48 20.38 7.67 5.39
N ARG A 49 21.23 8.44 6.06
CA ARG A 49 22.27 9.22 5.41
C ARG A 49 23.58 8.44 5.29
N PHE A 50 23.65 7.24 5.89
CA PHE A 50 24.88 6.47 5.91
C PHE A 50 25.03 5.75 4.57
N LYS A 51 25.55 6.48 3.57
CA LYS A 51 25.75 5.97 2.23
C LYS A 51 27.03 5.14 2.22
N ARG A 52 26.99 3.98 1.53
CA ARG A 52 28.06 3.01 1.58
C ARG A 52 28.53 2.67 0.16
N GLU A 53 29.84 2.42 0.04
CA GLU A 53 30.47 2.04 -1.22
C GLU A 53 30.81 0.55 -1.16
N PHE A 54 30.77 -0.12 -2.32
CA PHE A 54 30.98 -1.55 -2.38
C PHE A 54 32.00 -1.95 -3.46
N ILE A 55 32.40 -1.00 -4.32
CA ILE A 55 33.29 -1.34 -5.44
C ILE A 55 34.59 -0.56 -5.32
N GLN A 56 34.50 0.79 -5.34
CA GLN A 56 35.66 1.64 -5.44
C GLN A 56 36.34 1.79 -4.08
N GLU A 57 37.68 1.70 -4.08
CA GLU A 57 38.50 2.00 -2.92
C GLU A 57 38.70 3.52 -2.83
N PRO A 58 39.00 4.08 -1.64
CA PRO A 58 39.13 3.33 -0.39
C PRO A 58 37.88 3.27 0.48
N ALA A 59 36.75 3.79 -0.02
CA ALA A 59 35.54 3.93 0.76
C ALA A 59 34.86 2.57 0.99
N LYS A 60 35.15 1.59 0.13
CA LYS A 60 34.58 0.26 0.27
C LYS A 60 35.16 -0.43 1.50
N ASN A 61 36.41 -0.08 1.85
CA ASN A 61 37.09 -0.66 3.00
C ASN A 61 36.90 0.23 4.24
N ARG A 62 35.74 0.90 4.32
CA ARG A 62 35.39 1.71 5.48
C ARG A 62 35.28 0.81 6.70
N PRO A 63 36.02 1.08 7.79
CA PRO A 63 35.98 0.23 8.99
C PRO A 63 34.78 0.51 9.90
N GLY A 64 34.74 -0.21 11.03
CA GLY A 64 33.73 0.00 12.06
C GLY A 64 32.45 -0.78 11.77
N PRO A 65 31.47 -0.75 12.70
CA PRO A 65 30.16 -1.38 12.48
C PRO A 65 29.33 -0.62 11.47
N GLN A 66 28.54 -1.36 10.66
CA GLN A 66 27.77 -0.76 9.59
C GLN A 66 26.44 -0.22 10.11
N THR A 67 25.96 -0.75 11.24
CA THR A 67 24.72 -0.27 11.83
C THR A 67 24.64 -0.68 13.30
N ARG A 68 23.42 -0.55 13.86
CA ARG A 68 23.12 -0.94 15.23
C ARG A 68 23.22 -2.44 15.42
N SER A 69 23.35 -2.86 16.68
CA SER A 69 23.36 -4.27 17.05
C SER A 69 21.92 -4.78 17.20
N ASP A 70 21.74 -6.06 16.86
CA ASP A 70 20.46 -6.74 16.99
C ASP A 70 20.11 -6.96 18.46
N LEU A 71 21.13 -6.87 19.34
CA LEU A 71 20.98 -7.16 20.75
C LEU A 71 20.22 -6.05 21.48
N LEU A 72 20.12 -4.86 20.87
CA LEU A 72 19.51 -3.72 21.54
C LEU A 72 18.04 -3.99 21.84
N LEU A 73 17.37 -4.77 20.99
CA LEU A 73 16.01 -5.22 21.25
C LEU A 73 16.01 -6.74 21.45
N SER A 74 14.90 -7.25 22.00
CA SER A 74 14.67 -8.68 22.11
C SER A 74 14.21 -9.23 20.77
N GLY A 75 14.40 -10.54 20.58
CA GLY A 75 13.95 -11.21 19.37
C GLY A 75 12.46 -10.97 19.10
N ARG A 76 11.66 -10.99 20.17
CA ARG A 76 10.22 -10.81 20.07
C ARG A 76 9.88 -9.38 19.63
N ASP A 77 10.66 -8.40 20.10
CA ASP A 77 10.43 -7.00 19.77
C ASP A 77 10.63 -6.77 18.27
N TRP A 78 11.73 -7.32 17.72
CA TRP A 78 11.98 -7.24 16.29
C TRP A 78 10.83 -7.88 15.50
N ASN A 79 10.32 -9.01 16.02
CA ASN A 79 9.39 -9.86 15.28
C ASN A 79 7.98 -9.26 15.21
N THR A 80 7.63 -8.36 16.12
CA THR A 80 6.25 -7.93 16.26
C THR A 80 6.08 -6.41 16.22
N LEU A 81 7.14 -5.64 16.52
CA LEU A 81 6.99 -4.21 16.78
C LEU A 81 7.75 -3.35 15.78
N ILE A 82 8.65 -3.94 14.98
CA ILE A 82 9.50 -3.16 14.10
C ILE A 82 9.17 -3.49 12.64
N VAL A 83 9.00 -2.44 11.83
CA VAL A 83 8.92 -2.58 10.38
C VAL A 83 10.16 -1.90 9.80
N GLY A 84 10.81 -2.58 8.85
CA GLY A 84 12.02 -2.07 8.23
C GLY A 84 11.70 -1.02 7.16
N LYS A 85 12.73 -0.24 6.79
CA LYS A 85 12.62 0.75 5.73
C LYS A 85 13.91 0.74 4.92
N LEU A 86 13.76 0.70 3.59
CA LEU A 86 14.91 0.85 2.70
C LEU A 86 15.42 2.28 2.81
N SER A 87 16.75 2.44 2.78
CA SER A 87 17.35 3.76 2.89
C SER A 87 17.00 4.59 1.65
N PRO A 88 16.88 5.93 1.78
CA PRO A 88 16.41 6.76 0.67
C PRO A 88 17.43 6.94 -0.46
N TRP A 89 18.72 6.77 -0.13
CA TRP A 89 19.80 6.93 -1.10
C TRP A 89 19.86 5.73 -2.06
N ILE A 90 19.29 4.59 -1.64
CA ILE A 90 19.29 3.38 -2.46
C ILE A 90 18.35 3.58 -3.64
N ARG A 91 18.93 3.68 -4.84
CA ARG A 91 18.19 3.86 -6.08
C ARG A 91 18.65 2.81 -7.08
N PRO A 92 18.04 1.61 -7.11
CA PRO A 92 18.48 0.53 -8.02
C PRO A 92 18.29 0.81 -9.51
N ASP A 93 17.39 1.75 -9.85
CA ASP A 93 17.05 2.04 -11.23
C ASP A 93 17.67 3.38 -11.67
N SER A 94 18.83 3.73 -11.10
CA SER A 94 19.53 4.95 -11.47
C SER A 94 20.13 4.81 -12.87
N LYS A 95 20.25 5.94 -13.56
CA LYS A 95 20.81 5.98 -14.91
C LYS A 95 22.33 5.82 -14.85
N VAL A 96 22.92 6.18 -13.71
CA VAL A 96 24.36 6.05 -13.49
C VAL A 96 24.65 4.62 -13.10
N GLU A 97 25.57 3.97 -13.83
CA GLU A 97 25.86 2.55 -13.65
C GLU A 97 26.43 2.28 -12.26
N LYS A 98 27.27 3.20 -11.77
CA LYS A 98 27.90 3.05 -10.46
C LYS A 98 26.85 3.04 -9.36
N ILE A 99 25.94 4.01 -9.40
CA ILE A 99 24.91 4.14 -8.38
C ILE A 99 23.98 2.93 -8.40
N ARG A 100 23.71 2.42 -9.62
CA ARG A 100 22.90 1.23 -9.79
C ARG A 100 23.53 0.06 -9.05
N ARG A 101 24.80 -0.22 -9.36
CA ARG A 101 25.51 -1.36 -8.79
C ARG A 101 25.62 -1.23 -7.27
N ASN A 102 25.87 0.00 -6.79
CA ASN A 102 26.00 0.25 -5.36
C ASN A 102 24.65 0.05 -4.66
N SER A 103 23.58 0.55 -5.27
CA SER A 103 22.24 0.46 -4.69
C SER A 103 21.77 -0.99 -4.66
N GLU A 104 22.20 -1.79 -5.64
CA GLU A 104 21.90 -3.21 -5.69
C GLU A 104 22.47 -3.88 -4.43
N ALA A 105 23.79 -3.73 -4.25
CA ALA A 105 24.50 -4.35 -3.13
C ALA A 105 23.95 -3.86 -1.79
N ALA A 106 23.54 -2.59 -1.76
CA ALA A 106 23.01 -1.99 -0.54
C ALA A 106 21.61 -2.51 -0.24
N MET A 107 20.80 -2.71 -1.28
CA MET A 107 19.43 -3.18 -1.13
C MET A 107 19.44 -4.59 -0.57
N LEU A 108 20.30 -5.45 -1.14
CA LEU A 108 20.42 -6.83 -0.69
C LEU A 108 20.86 -6.86 0.78
N GLN A 109 21.84 -6.01 1.11
CA GLN A 109 22.39 -5.93 2.46
C GLN A 109 21.28 -5.59 3.45
N GLU A 110 20.48 -4.56 3.13
CA GLU A 110 19.46 -4.09 4.04
C GLU A 110 18.34 -5.12 4.17
N LEU A 111 17.97 -5.74 3.04
CA LEU A 111 16.93 -6.76 3.03
C LEU A 111 17.39 -7.98 3.82
N ASN A 112 18.65 -8.39 3.62
CA ASN A 112 19.23 -9.51 4.34
C ASN A 112 19.20 -9.25 5.84
N PHE A 113 19.61 -8.05 6.25
CA PHE A 113 19.66 -7.70 7.66
C PHE A 113 18.25 -7.72 8.24
N GLY A 114 17.26 -7.31 7.44
CA GLY A 114 15.86 -7.37 7.85
C GLY A 114 15.44 -8.79 8.20
N ALA A 115 15.83 -9.74 7.34
CA ALA A 115 15.52 -11.15 7.54
C ALA A 115 16.27 -11.69 8.74
N TYR A 116 17.51 -11.25 8.92
CA TYR A 116 18.35 -11.64 10.06
C TYR A 116 17.64 -11.28 11.37
N LEU A 117 17.07 -10.07 11.43
CA LEU A 117 16.36 -9.60 12.61
C LEU A 117 15.01 -10.32 12.73
N GLY A 118 14.49 -10.83 11.62
CA GLY A 118 13.20 -11.51 11.60
C GLY A 118 12.06 -10.50 11.65
N LEU A 119 12.19 -9.42 10.87
CA LEU A 119 11.19 -8.36 10.83
C LEU A 119 9.93 -8.90 10.15
N PRO A 120 8.72 -8.57 10.64
CA PRO A 120 7.48 -9.02 10.01
C PRO A 120 7.19 -8.34 8.68
N ALA A 121 7.65 -7.09 8.53
CA ALA A 121 7.45 -6.33 7.31
C ALA A 121 8.64 -5.42 7.04
N PHE A 122 8.75 -4.98 5.78
CA PHE A 122 9.82 -4.10 5.33
C PHE A 122 9.28 -3.22 4.21
N LEU A 123 9.54 -1.90 4.31
CA LEU A 123 8.98 -0.92 3.39
C LEU A 123 9.97 -0.64 2.27
N LEU A 124 9.49 -0.71 1.02
CA LEU A 124 10.24 -0.24 -0.13
C LEU A 124 9.37 0.76 -0.90
N PRO A 125 9.96 1.87 -1.43
CA PRO A 125 9.18 2.87 -2.15
C PRO A 125 8.96 2.61 -3.64
N LEU A 126 7.74 2.90 -4.10
CA LEU A 126 7.45 3.09 -5.52
C LEU A 126 7.17 4.58 -5.74
N ASN A 127 8.21 5.34 -6.11
CA ASN A 127 8.11 6.77 -6.26
C ASN A 127 8.50 7.21 -7.67
N GLN A 128 8.54 6.26 -8.61
CA GLN A 128 8.75 6.57 -10.02
C GLN A 128 8.15 5.44 -10.86
N GLU A 129 8.20 5.60 -12.18
CA GLU A 129 7.59 4.66 -13.10
C GLU A 129 8.43 3.39 -13.19
N ASP A 130 9.71 3.56 -13.55
CA ASP A 130 10.60 2.42 -13.80
C ASP A 130 11.17 1.92 -12.48
N ASN A 131 10.67 0.76 -12.02
CA ASN A 131 11.20 0.08 -10.84
C ASN A 131 11.54 -1.36 -11.21
N THR A 132 12.16 -1.54 -12.38
CA THR A 132 12.38 -2.86 -12.93
C THR A 132 13.49 -3.57 -12.17
N ASN A 133 14.64 -2.88 -12.03
CA ASN A 133 15.80 -3.47 -11.38
C ASN A 133 15.52 -3.61 -9.89
N LEU A 134 14.72 -2.71 -9.33
CA LEU A 134 14.23 -2.83 -7.96
C LEU A 134 13.49 -4.15 -7.81
N ALA A 135 12.59 -4.44 -8.76
CA ALA A 135 11.78 -5.65 -8.74
C ALA A 135 12.66 -6.88 -8.90
N ARG A 136 13.70 -6.78 -9.74
CA ARG A 136 14.56 -7.90 -10.06
C ARG A 136 15.37 -8.30 -8.84
N VAL A 137 15.79 -7.31 -8.04
CA VAL A 137 16.59 -7.55 -6.86
C VAL A 137 15.71 -8.12 -5.74
N LEU A 138 14.52 -7.55 -5.56
CA LEU A 138 13.60 -8.00 -4.52
C LEU A 138 13.21 -9.45 -4.79
N THR A 139 12.84 -9.74 -6.05
CA THR A 139 12.45 -11.09 -6.45
C THR A 139 13.57 -12.07 -6.12
N ASN A 140 14.81 -11.67 -6.40
CA ASN A 140 15.98 -12.49 -6.12
C ASN A 140 16.06 -12.78 -4.63
N HIS A 141 15.85 -11.76 -3.80
CA HIS A 141 15.90 -11.90 -2.36
C HIS A 141 14.80 -12.84 -1.87
N ILE A 142 13.62 -12.74 -2.48
CA ILE A 142 12.48 -13.57 -2.11
C ILE A 142 12.82 -15.04 -2.38
N HIS A 143 13.60 -15.31 -3.43
CA HIS A 143 13.96 -16.68 -3.79
C HIS A 143 15.37 -17.01 -3.30
N THR A 144 15.67 -16.69 -2.03
CA THR A 144 16.98 -16.95 -1.47
C THR A 144 16.85 -17.98 -0.35
N GLY A 145 16.91 -17.52 0.92
CA GLY A 145 16.96 -18.42 2.06
C GLY A 145 15.56 -18.75 2.57
N HIS A 146 15.38 -18.64 3.89
CA HIS A 146 14.10 -18.87 4.54
C HIS A 146 13.66 -17.59 5.25
N HIS A 147 12.49 -17.07 4.87
CA HIS A 147 11.87 -15.96 5.56
C HIS A 147 10.42 -15.85 5.11
N SER A 148 9.57 -15.29 5.99
CA SER A 148 8.17 -15.05 5.68
C SER A 148 7.83 -13.58 5.87
N SER A 149 8.85 -12.71 5.75
CA SER A 149 8.69 -11.28 5.94
C SER A 149 7.92 -10.69 4.76
N MET A 150 6.90 -9.88 5.07
CA MET A 150 6.13 -9.17 4.06
C MET A 150 6.94 -7.98 3.56
N PHE A 151 6.68 -7.58 2.31
CA PHE A 151 7.27 -6.37 1.76
C PHE A 151 6.14 -5.41 1.39
N TRP A 152 6.09 -4.27 2.08
CA TRP A 152 5.11 -3.25 1.82
C TRP A 152 5.68 -2.21 0.85
N MET A 153 5.04 -2.09 -0.32
CA MET A 153 5.47 -1.14 -1.33
C MET A 153 4.80 0.21 -1.06
N ARG A 154 5.61 1.19 -0.67
CA ARG A 154 5.14 2.55 -0.43
C ARG A 154 4.82 3.20 -1.77
N VAL A 155 3.53 3.39 -2.05
CA VAL A 155 3.08 3.94 -3.32
C VAL A 155 2.05 5.02 -3.05
N PRO A 156 2.23 6.25 -3.58
CA PRO A 156 1.30 7.35 -3.32
C PRO A 156 0.02 7.25 -4.14
N LEU A 157 -1.08 7.81 -3.62
CA LEU A 157 -2.35 7.82 -4.31
C LEU A 157 -2.22 8.76 -5.51
N VAL A 158 -1.44 9.84 -5.34
CA VAL A 158 -1.14 10.78 -6.40
C VAL A 158 0.37 11.01 -6.43
N ALA A 159 0.96 10.93 -7.62
CA ALA A 159 2.41 11.02 -7.79
C ALA A 159 2.91 12.39 -7.30
N PRO A 160 4.15 12.50 -6.79
CA PRO A 160 4.65 13.75 -6.23
C PRO A 160 4.68 14.90 -7.24
N GLU A 161 4.86 14.56 -8.51
CA GLU A 161 4.91 15.51 -9.60
C GLU A 161 3.53 16.14 -9.82
N ASP A 162 2.48 15.41 -9.46
CA ASP A 162 1.11 15.80 -9.80
C ASP A 162 0.42 16.51 -8.64
N LEU A 163 1.09 16.63 -7.48
CA LEU A 163 0.53 17.34 -6.34
C LEU A 163 1.46 18.46 -5.89
N ARG A 164 2.45 18.80 -6.73
CA ARG A 164 3.38 19.88 -6.44
C ARG A 164 2.62 21.21 -6.57
N ASP A 165 3.15 22.25 -5.91
CA ASP A 165 2.55 23.57 -5.95
C ASP A 165 2.88 24.22 -7.28
N ASP A 166 1.89 24.91 -7.86
CA ASP A 166 2.05 25.59 -9.14
C ASP A 166 2.76 26.92 -8.89
N ILE A 167 4.07 26.85 -8.63
CA ILE A 167 4.85 28.02 -8.26
C ILE A 167 6.12 28.11 -9.11
N ILE A 168 6.28 27.23 -10.10
CA ILE A 168 7.36 27.33 -11.06
C ILE A 168 6.85 28.16 -12.23
N GLU A 169 7.63 29.19 -12.59
CA GLU A 169 7.20 30.21 -13.54
C GLU A 169 7.15 29.63 -14.96
N ASN A 170 8.18 28.87 -15.33
CA ASN A 170 8.32 28.36 -16.69
C ASN A 170 8.05 26.85 -16.73
N ALA A 171 7.17 26.38 -15.84
CA ALA A 171 6.75 24.98 -15.81
C ALA A 171 5.46 24.86 -15.01
N PRO A 172 4.29 25.22 -15.60
CA PRO A 172 3.02 25.15 -14.88
C PRO A 172 2.48 23.73 -14.76
N THR A 173 1.62 23.51 -13.75
CA THR A 173 1.07 22.21 -13.47
C THR A 173 0.00 21.87 -14.50
N THR A 174 -0.14 20.57 -14.80
CA THR A 174 -1.07 20.09 -15.80
C THR A 174 -2.50 20.40 -15.34
N HIS A 175 -3.15 21.35 -16.03
CA HIS A 175 -4.50 21.77 -15.74
C HIS A 175 -5.49 21.04 -16.66
N THR A 176 -5.07 19.91 -17.21
CA THR A 176 -5.87 19.13 -18.15
C THR A 176 -6.36 17.86 -17.44
N GLU A 177 -7.57 17.41 -17.79
CA GLU A 177 -8.09 16.16 -17.27
C GLU A 177 -7.48 15.01 -18.07
N GLU A 178 -6.55 14.29 -17.44
CA GLU A 178 -5.92 13.11 -18.03
C GLU A 178 -6.38 11.88 -17.25
N TYR A 179 -7.38 11.18 -17.80
CA TYR A 179 -8.06 10.09 -17.12
C TYR A 179 -7.07 8.97 -16.80
N SER A 180 -6.26 8.59 -17.80
CA SER A 180 -5.27 7.54 -17.64
C SER A 180 -4.08 8.02 -16.81
N GLY A 181 -3.69 9.28 -17.02
CA GLY A 181 -2.52 9.86 -16.37
C GLY A 181 -2.67 10.00 -14.86
N GLU A 182 -3.91 10.18 -14.40
CA GLU A 182 -4.20 10.34 -12.98
C GLU A 182 -4.21 8.98 -12.28
N GLU A 183 -4.19 7.89 -13.05
CA GLU A 183 -4.14 6.54 -12.51
C GLU A 183 -2.72 5.98 -12.56
N LYS A 184 -1.71 6.85 -12.70
CA LYS A 184 -0.37 6.40 -13.06
C LYS A 184 0.27 5.60 -11.93
N THR A 185 -0.06 5.92 -10.67
CA THR A 185 0.60 5.30 -9.52
C THR A 185 0.12 3.86 -9.37
N TRP A 186 -1.08 3.55 -9.84
CA TRP A 186 -1.56 2.18 -9.88
C TRP A 186 -0.77 1.38 -10.91
N MET A 187 -0.45 2.01 -12.05
CA MET A 187 0.32 1.37 -13.09
C MET A 187 1.74 1.09 -12.60
N TRP A 188 2.28 1.99 -11.77
CA TRP A 188 3.57 1.78 -11.10
C TRP A 188 3.53 0.46 -10.33
N TRP A 189 2.48 0.31 -9.53
CA TRP A 189 2.27 -0.88 -8.71
C TRP A 189 2.06 -2.11 -9.59
N HIS A 190 1.14 -2.00 -10.56
CA HIS A 190 0.74 -3.11 -11.40
C HIS A 190 1.96 -3.72 -12.09
N ASN A 191 2.79 -2.87 -12.70
CA ASN A 191 3.96 -3.33 -13.43
C ASN A 191 4.93 -4.04 -12.48
N PHE A 192 5.12 -3.47 -11.29
CA PHE A 192 6.06 -4.01 -10.32
C PHE A 192 5.64 -5.43 -9.93
N ARG A 193 4.37 -5.59 -9.54
CA ARG A 193 3.89 -6.85 -9.00
C ARG A 193 3.75 -7.90 -10.12
N THR A 194 3.65 -7.45 -11.38
CA THR A 194 3.63 -8.36 -12.51
C THR A 194 5.03 -8.90 -12.75
N LEU A 195 6.05 -8.03 -12.66
CA LEU A 195 7.44 -8.42 -12.79
C LEU A 195 7.79 -9.45 -11.71
N CYS A 196 7.25 -9.25 -10.50
CA CYS A 196 7.53 -10.10 -9.36
C CYS A 196 6.60 -11.31 -9.35
N ASP A 197 5.66 -11.36 -10.30
CA ASP A 197 4.85 -12.53 -10.58
C ASP A 197 3.89 -12.79 -9.42
N TYR A 198 3.21 -11.73 -8.99
CA TYR A 198 2.17 -11.81 -7.96
C TYR A 198 2.68 -12.61 -6.76
N SER A 199 3.77 -12.13 -6.15
CA SER A 199 4.26 -12.75 -4.92
C SER A 199 3.34 -12.37 -3.76
N LYS A 200 2.96 -13.38 -2.97
CA LYS A 200 2.05 -13.18 -1.85
C LYS A 200 2.77 -12.44 -0.72
N ARG A 201 4.10 -12.28 -0.85
CA ARG A 201 4.89 -11.55 0.13
C ARG A 201 4.85 -10.05 -0.13
N ILE A 202 4.42 -9.66 -1.34
CA ILE A 202 4.48 -8.26 -1.76
C ILE A 202 3.07 -7.67 -1.68
N ALA A 203 2.93 -6.59 -0.88
CA ALA A 203 1.66 -5.91 -0.66
C ALA A 203 1.85 -4.40 -0.80
N VAL A 204 0.75 -3.65 -0.62
CA VAL A 204 0.75 -2.21 -0.86
C VAL A 204 0.66 -1.46 0.46
N ALA A 205 1.50 -0.43 0.59
CA ALA A 205 1.34 0.62 1.59
C ALA A 205 0.91 1.90 0.90
N LEU A 206 -0.40 2.17 0.92
CA LEU A 206 -0.98 3.26 0.15
C LEU A 206 -0.85 4.56 0.92
N GLU A 207 -0.17 5.54 0.31
CA GLU A 207 0.12 6.81 0.95
C GLU A 207 -0.92 7.85 0.54
N ILE A 208 -1.65 8.36 1.53
CA ILE A 208 -2.77 9.26 1.29
C ILE A 208 -2.27 10.70 1.26
N GLY A 209 -2.66 11.46 0.24
CA GLY A 209 -2.18 12.82 0.03
C GLY A 209 -3.15 13.85 0.60
N ALA A 210 -2.76 15.13 0.51
CA ALA A 210 -3.57 16.23 0.99
C ALA A 210 -4.83 16.37 0.13
N ASP A 211 -4.63 16.47 -1.19
CA ASP A 211 -5.74 16.47 -2.13
C ASP A 211 -5.93 15.07 -2.67
N LEU A 212 -7.08 14.46 -2.34
CA LEU A 212 -7.45 13.16 -2.88
C LEU A 212 -7.72 13.33 -4.37
N PRO A 213 -7.43 12.31 -5.22
CA PRO A 213 -7.71 12.39 -6.65
C PRO A 213 -9.18 12.14 -6.94
N SER A 214 -9.52 12.08 -8.23
CA SER A 214 -10.86 11.73 -8.67
C SER A 214 -11.24 10.35 -8.15
N ASN A 215 -12.54 10.03 -8.21
CA ASN A 215 -13.08 8.84 -7.59
C ASN A 215 -12.55 7.59 -8.30
N HIS A 216 -12.40 7.67 -9.63
CA HIS A 216 -11.94 6.56 -10.43
C HIS A 216 -10.52 6.16 -10.04
N VAL A 217 -9.71 7.15 -9.64
CA VAL A 217 -8.31 6.92 -9.28
C VAL A 217 -8.26 6.11 -7.98
N ILE A 218 -9.25 6.30 -7.11
CA ILE A 218 -9.33 5.61 -5.83
C ILE A 218 -9.91 4.20 -6.04
N ASP A 219 -10.94 4.10 -6.88
CA ASP A 219 -11.58 2.84 -7.19
C ASP A 219 -10.57 1.87 -7.81
N ARG A 220 -9.51 2.43 -8.41
CA ARG A 220 -8.44 1.66 -9.02
C ARG A 220 -7.83 0.68 -8.02
N TRP A 221 -7.79 1.06 -6.73
CA TRP A 221 -7.11 0.29 -5.70
C TRP A 221 -8.02 -0.75 -5.06
N LEU A 222 -9.27 -0.83 -5.52
CA LEU A 222 -10.17 -1.89 -5.11
C LEU A 222 -9.64 -3.21 -5.66
N GLY A 223 -9.59 -4.24 -4.79
CA GLY A 223 -9.15 -5.57 -5.19
C GLY A 223 -7.63 -5.70 -5.22
N GLU A 224 -6.92 -4.72 -4.65
CA GLU A 224 -5.47 -4.77 -4.54
C GLU A 224 -5.09 -5.14 -3.10
N PRO A 225 -3.95 -5.81 -2.88
CA PRO A 225 -3.54 -6.19 -1.52
C PRO A 225 -2.99 -5.02 -0.73
N ILE A 226 -3.90 -4.18 -0.22
CA ILE A 226 -3.55 -3.07 0.63
C ILE A 226 -3.42 -3.59 2.06
N LYS A 227 -2.22 -3.47 2.63
CA LYS A 227 -1.97 -3.90 3.99
C LYS A 227 -1.81 -2.70 4.92
N ALA A 228 -1.28 -1.59 4.39
CA ALA A 228 -1.08 -0.38 5.18
C ALA A 228 -1.73 0.81 4.49
N ALA A 229 -2.03 1.83 5.30
CA ALA A 229 -2.50 3.12 4.81
C ALA A 229 -1.74 4.23 5.55
N ILE A 230 -0.77 4.84 4.86
CA ILE A 230 0.08 5.85 5.45
C ILE A 230 -0.67 7.18 5.43
N LEU A 231 -0.72 7.84 6.59
CA LEU A 231 -1.43 9.11 6.76
C LEU A 231 -0.44 10.16 7.25
N PRO A 232 0.01 11.11 6.40
CA PRO A 232 0.84 12.22 6.86
C PRO A 232 0.07 13.10 7.84
N THR A 233 0.81 13.80 8.72
CA THR A 233 0.21 14.70 9.69
C THR A 233 -0.28 15.96 8.98
N SER A 234 0.25 16.23 7.77
CA SER A 234 -0.04 17.45 7.04
C SER A 234 -1.48 17.48 6.52
N ILE A 235 -2.09 16.30 6.34
CA ILE A 235 -3.41 16.21 5.71
C ILE A 235 -4.51 16.49 6.73
N PHE A 236 -4.15 16.62 8.02
CA PHE A 236 -5.12 16.80 9.08
C PHE A 236 -5.51 18.26 9.20
N LEU A 237 -6.83 18.52 9.17
CA LEU A 237 -7.39 19.83 9.45
C LEU A 237 -7.43 20.04 10.97
N THR A 238 -7.76 21.26 11.39
CA THR A 238 -7.87 21.60 12.80
C THR A 238 -9.29 22.11 13.08
N ASN A 239 -9.90 21.61 14.16
CA ASN A 239 -11.26 21.95 14.52
C ASN A 239 -11.26 23.18 15.42
N LYS A 240 -12.45 23.55 15.94
CA LYS A 240 -12.61 24.72 16.78
C LYS A 240 -11.85 24.53 18.10
N LYS A 241 -11.82 23.29 18.61
CA LYS A 241 -11.16 22.98 19.87
C LYS A 241 -9.65 23.15 19.71
N GLY A 242 -9.13 22.89 18.52
CA GLY A 242 -7.71 23.02 18.22
C GLY A 242 -6.99 21.67 18.30
N PHE A 243 -7.62 20.65 17.68
CA PHE A 243 -7.09 19.30 17.66
C PHE A 243 -7.24 18.74 16.25
N PRO A 244 -6.41 17.75 15.84
CA PRO A 244 -6.42 17.25 14.46
C PRO A 244 -7.70 16.51 14.08
N VAL A 245 -8.20 16.81 12.87
CA VAL A 245 -9.35 16.13 12.29
C VAL A 245 -9.09 15.98 10.78
N LEU A 246 -10.00 15.27 10.10
CA LEU A 246 -9.90 15.06 8.66
C LEU A 246 -11.15 15.61 7.98
N SER A 247 -11.06 15.80 6.66
CA SER A 247 -12.18 16.27 5.86
C SER A 247 -13.20 15.15 5.67
N LYS A 248 -14.38 15.51 5.15
CA LYS A 248 -15.44 14.55 4.88
C LYS A 248 -15.02 13.60 3.75
N MET A 249 -14.19 14.11 2.83
CA MET A 249 -13.64 13.31 1.75
C MET A 249 -12.74 12.21 2.31
N HIS A 250 -11.84 12.59 3.22
CA HIS A 250 -10.89 11.66 3.82
C HIS A 250 -11.62 10.70 4.78
N GLN A 251 -12.67 11.20 5.44
CA GLN A 251 -13.44 10.40 6.38
C GLN A 251 -14.06 9.20 5.68
N ARG A 252 -14.64 9.42 4.49
CA ARG A 252 -15.27 8.37 3.71
C ARG A 252 -14.22 7.35 3.27
N LEU A 253 -12.99 7.82 3.00
CA LEU A 253 -11.90 6.97 2.57
C LEU A 253 -11.45 6.06 3.72
N ILE A 254 -11.31 6.64 4.92
CA ILE A 254 -10.89 5.90 6.09
C ILE A 254 -11.96 4.86 6.43
N PHE A 255 -13.24 5.24 6.27
CA PHE A 255 -14.35 4.35 6.53
C PHE A 255 -14.27 3.13 5.60
N ARG A 256 -13.95 3.38 4.33
CA ARG A 256 -13.75 2.33 3.34
C ARG A 256 -12.55 1.45 3.72
N LEU A 257 -11.47 2.08 4.20
CA LEU A 257 -10.24 1.37 4.52
C LEU A 257 -10.42 0.51 5.77
N LEU A 258 -11.32 0.93 6.67
CA LEU A 258 -11.58 0.18 7.90
C LEU A 258 -12.30 -1.13 7.59
N LYS A 259 -13.02 -1.19 6.46
CA LYS A 259 -13.68 -2.40 6.02
C LYS A 259 -12.66 -3.42 5.53
N LEU A 260 -11.59 -2.93 4.89
CA LEU A 260 -10.51 -3.80 4.41
C LEU A 260 -9.66 -4.29 5.57
N GLU A 261 -9.78 -3.65 6.74
CA GLU A 261 -8.98 -3.97 7.90
C GLU A 261 -7.50 -3.83 7.54
N VAL A 262 -7.08 -2.57 7.30
CA VAL A 262 -5.68 -2.25 7.05
C VAL A 262 -5.09 -1.67 8.34
N GLN A 263 -3.77 -1.51 8.36
CA GLN A 263 -3.06 -0.95 9.50
C GLN A 263 -2.63 0.47 9.16
N PHE A 264 -3.14 1.44 9.93
CA PHE A 264 -2.93 2.85 9.66
C PHE A 264 -1.59 3.28 10.25
N ILE A 265 -0.73 3.85 9.38
CA ILE A 265 0.56 4.36 9.80
C ILE A 265 0.48 5.88 9.79
N ILE A 266 1.07 6.51 10.82
CA ILE A 266 1.16 7.96 10.89
C ILE A 266 2.61 8.35 10.61
N THR A 267 2.80 9.29 9.67
CA THR A 267 4.11 9.77 9.30
C THR A 267 4.13 11.30 9.37
N GLY A 268 5.32 11.86 9.58
CA GLY A 268 5.51 13.30 9.60
C GLY A 268 5.53 13.85 11.03
N THR A 269 5.98 15.11 11.15
CA THR A 269 6.16 15.75 12.45
C THR A 269 4.80 16.23 12.98
N ASN A 270 4.81 16.67 14.24
CA ASN A 270 3.60 17.12 14.92
C ASN A 270 3.35 18.57 14.54
N HIS A 271 2.40 18.79 13.61
CA HIS A 271 1.99 20.13 13.21
C HIS A 271 1.01 20.69 14.23
N HIS A 272 0.34 19.80 14.97
CA HIS A 272 -0.48 20.20 16.11
C HIS A 272 0.37 20.14 17.38
N SER A 273 1.28 21.12 17.51
CA SER A 273 2.31 21.13 18.54
C SER A 273 1.70 21.24 19.94
N GLU A 274 0.59 21.98 20.05
CA GLU A 274 -0.04 22.25 21.34
C GLU A 274 -0.57 20.96 21.96
N LYS A 275 -1.05 20.03 21.12
CA LYS A 275 -1.63 18.78 21.58
C LYS A 275 -0.57 17.68 21.62
N GLU A 276 -0.98 16.49 22.08
CA GLU A 276 -0.14 15.31 22.06
C GLU A 276 -0.16 14.68 20.67
N PHE A 277 0.68 13.67 20.46
CA PHE A 277 0.75 12.96 19.19
C PHE A 277 -0.28 11.82 19.18
N CYS A 278 -0.80 11.47 20.36
CA CYS A 278 -1.82 10.44 20.50
C CYS A 278 -3.13 10.90 19.86
N SER A 279 -3.32 12.23 19.79
CA SER A 279 -4.55 12.83 19.27
C SER A 279 -4.85 12.32 17.86
N TYR A 280 -3.81 12.23 17.01
CA TYR A 280 -3.97 11.72 15.65
C TYR A 280 -4.58 10.33 15.69
N LEU A 281 -4.00 9.46 16.51
CA LEU A 281 -4.44 8.08 16.66
C LEU A 281 -5.84 8.03 17.29
N GLN A 282 -6.07 8.90 18.28
CA GLN A 282 -7.35 8.98 18.96
C GLN A 282 -8.47 9.31 17.97
N TYR A 283 -8.14 10.09 16.93
CA TYR A 283 -9.12 10.48 15.92
C TYR A 283 -9.48 9.27 15.06
N LEU A 284 -8.47 8.44 14.74
CA LEU A 284 -8.71 7.22 13.98
C LEU A 284 -9.56 6.26 14.79
N GLU A 285 -9.28 6.18 16.10
CA GLU A 285 -10.08 5.40 17.03
C GLU A 285 -11.52 5.94 17.04
N TYR A 286 -11.64 7.27 17.11
CA TYR A 286 -12.94 7.93 17.11
C TYR A 286 -13.75 7.52 15.88
N LEU A 287 -13.08 7.46 14.72
CA LEU A 287 -13.71 7.04 13.48
C LEU A 287 -14.06 5.55 13.53
N SER A 288 -13.15 4.75 14.11
CA SER A 288 -13.31 3.31 14.19
C SER A 288 -14.58 2.94 14.94
N GLN A 289 -14.82 3.62 16.08
CA GLN A 289 -16.00 3.38 16.89
C GLN A 289 -17.24 3.89 16.15
N ASN A 290 -17.10 5.04 15.48
CA ASN A 290 -18.21 5.68 14.79
C ASN A 290 -18.26 5.18 13.35
N ARG A 291 -18.78 3.96 13.18
CA ARG A 291 -19.08 3.40 11.86
C ARG A 291 -20.40 2.64 11.95
N PRO A 292 -21.06 2.33 10.81
CA PRO A 292 -22.25 1.48 10.84
C PRO A 292 -21.89 0.08 11.32
N PRO A 293 -22.50 -0.42 12.42
CA PRO A 293 -22.12 -1.71 12.99
C PRO A 293 -22.46 -2.89 12.06
N PRO A 294 -21.77 -4.04 12.20
CA PRO A 294 -21.99 -5.18 11.31
C PRO A 294 -23.38 -5.78 11.46
N ASN A 295 -24.04 -6.04 10.33
CA ASN A 295 -25.36 -6.65 10.31
C ASN A 295 -25.21 -8.16 10.55
N ALA A 296 -26.33 -8.87 10.52
CA ALA A 296 -26.35 -10.32 10.72
C ALA A 296 -25.46 -11.03 9.70
N TYR A 297 -25.38 -10.45 8.49
CA TYR A 297 -24.57 -11.01 7.42
C TYR A 297 -23.08 -10.84 7.76
N GLU A 298 -22.67 -9.60 8.02
CA GLU A 298 -21.27 -9.24 8.20
C GLU A 298 -20.75 -9.75 9.54
N LEU A 299 -21.64 -9.92 10.52
CA LEU A 299 -21.27 -10.44 11.82
C LEU A 299 -20.87 -11.91 11.70
N PHE A 300 -21.67 -12.68 10.95
CA PHE A 300 -21.45 -14.11 10.77
C PHE A 300 -20.30 -14.34 9.77
N ALA A 301 -20.23 -13.49 8.75
CA ALA A 301 -19.25 -13.63 7.68
C ALA A 301 -17.84 -13.30 8.18
N LYS A 302 -17.75 -12.45 9.22
CA LYS A 302 -16.48 -12.04 9.78
C LYS A 302 -15.63 -13.28 10.11
N GLY A 303 -14.59 -13.49 9.30
CA GLY A 303 -13.71 -14.66 9.45
C GLY A 303 -13.46 -15.35 8.10
N TYR A 304 -14.47 -15.32 7.22
CA TYR A 304 -14.44 -16.07 5.97
C TYR A 304 -14.18 -15.13 4.78
N GLU A 305 -13.54 -13.98 5.04
CA GLU A 305 -13.29 -12.99 4.02
C GLU A 305 -12.28 -13.51 3.00
N ASP A 306 -12.74 -13.63 1.75
CA ASP A 306 -11.91 -14.08 0.62
C ASP A 306 -11.30 -15.44 0.91
N TYR A 307 -12.08 -16.32 1.56
CA TYR A 307 -11.65 -17.68 1.84
C TYR A 307 -12.31 -18.60 0.82
N LEU A 308 -11.48 -19.31 0.05
CA LEU A 308 -11.97 -20.17 -1.02
C LEU A 308 -12.41 -21.51 -0.44
N GLN A 309 -13.57 -21.99 -0.89
CA GLN A 309 -14.12 -23.26 -0.45
C GLN A 309 -14.71 -23.99 -1.65
N SER A 310 -14.74 -25.33 -1.58
CA SER A 310 -15.30 -26.15 -2.63
C SER A 310 -16.83 -26.02 -2.62
N PRO A 311 -17.49 -25.88 -3.79
CA PRO A 311 -18.95 -25.95 -3.85
C PRO A 311 -19.47 -27.30 -3.37
N LEU A 312 -20.43 -27.26 -2.43
CA LEU A 312 -21.05 -28.46 -1.90
C LEU A 312 -21.74 -29.21 -3.03
N GLN A 313 -21.64 -30.55 -3.00
CA GLN A 313 -22.36 -31.42 -3.92
C GLN A 313 -23.19 -32.39 -3.10
N PRO A 314 -24.39 -31.99 -2.62
CA PRO A 314 -25.23 -32.86 -1.78
C PRO A 314 -25.78 -34.11 -2.47
N LEU A 315 -25.73 -34.17 -3.80
CA LEU A 315 -26.16 -35.35 -4.54
C LEU A 315 -25.06 -36.41 -4.48
N MET A 316 -23.86 -36.03 -4.96
CA MET A 316 -22.73 -36.94 -5.05
C MET A 316 -22.29 -37.37 -3.66
N ASP A 317 -22.17 -36.38 -2.75
CA ASP A 317 -21.72 -36.63 -1.39
C ASP A 317 -22.92 -36.65 -0.44
N ASN A 318 -22.71 -37.24 0.74
CA ASN A 318 -23.67 -37.20 1.82
C ASN A 318 -23.22 -36.14 2.82
N LEU A 319 -24.03 -35.10 3.00
CA LEU A 319 -23.68 -33.97 3.85
C LEU A 319 -23.60 -34.45 5.31
N GLU A 320 -22.69 -33.83 6.07
CA GLU A 320 -22.50 -34.15 7.47
C GLU A 320 -23.63 -33.50 8.29
N SER A 321 -23.69 -33.86 9.57
CA SER A 321 -24.71 -33.35 10.47
C SER A 321 -24.60 -31.82 10.59
N GLN A 322 -23.37 -31.33 10.80
CA GLN A 322 -23.13 -29.92 11.09
C GLN A 322 -23.27 -29.08 9.83
N THR A 323 -23.26 -29.72 8.64
CA THR A 323 -23.51 -29.02 7.39
C THR A 323 -25.01 -28.71 7.27
N TYR A 324 -25.85 -29.65 7.73
CA TYR A 324 -27.29 -29.45 7.78
C TYR A 324 -27.65 -28.46 8.90
N GLU A 325 -26.85 -28.47 9.97
CA GLU A 325 -27.08 -27.61 11.13
C GLU A 325 -27.02 -26.13 10.72
N VAL A 326 -26.00 -25.77 9.95
CA VAL A 326 -25.75 -24.39 9.58
C VAL A 326 -26.77 -23.94 8.53
N PHE A 327 -27.29 -24.88 7.73
CA PHE A 327 -28.37 -24.60 6.81
C PHE A 327 -29.61 -24.19 7.60
N GLU A 328 -29.90 -24.96 8.64
CA GLU A 328 -31.10 -24.79 9.45
C GLU A 328 -31.06 -23.49 10.24
N LYS A 329 -29.86 -22.92 10.43
CA LYS A 329 -29.67 -21.72 11.23
C LYS A 329 -29.88 -20.45 10.39
N ASP A 330 -30.66 -20.55 9.31
CA ASP A 330 -31.03 -19.41 8.49
C ASP A 330 -32.55 -19.29 8.47
N PRO A 331 -33.17 -18.59 9.46
CA PRO A 331 -34.62 -18.57 9.60
C PRO A 331 -35.36 -17.78 8.51
N ILE A 332 -34.65 -16.85 7.85
CA ILE A 332 -35.23 -16.02 6.81
C ILE A 332 -35.64 -16.90 5.64
N LYS A 333 -34.72 -17.80 5.23
CA LYS A 333 -34.91 -18.68 4.09
C LYS A 333 -36.19 -19.50 4.24
N TYR A 334 -36.35 -20.14 5.42
CA TYR A 334 -37.42 -21.10 5.63
C TYR A 334 -38.75 -20.37 5.82
N SER A 335 -38.71 -19.18 6.41
CA SER A 335 -39.90 -18.35 6.56
C SER A 335 -40.46 -17.99 5.18
N GLN A 336 -39.56 -17.82 4.20
CA GLN A 336 -39.94 -17.59 2.82
C GLN A 336 -40.56 -18.85 2.22
N TYR A 337 -39.96 -20.01 2.51
CA TYR A 337 -40.52 -21.28 2.07
C TYR A 337 -41.90 -21.49 2.71
N GLN A 338 -42.00 -21.17 4.00
CA GLN A 338 -43.24 -21.30 4.75
C GLN A 338 -44.33 -20.46 4.10
N GLN A 339 -44.00 -19.20 3.80
CA GLN A 339 -44.93 -18.25 3.21
C GLN A 339 -45.32 -18.69 1.80
N ALA A 340 -44.34 -19.23 1.05
CA ALA A 340 -44.56 -19.67 -0.32
C ALA A 340 -45.58 -20.79 -0.38
N ILE A 341 -45.42 -21.77 0.54
CA ILE A 341 -46.30 -22.93 0.61
C ILE A 341 -47.67 -22.48 1.11
N TYR A 342 -47.67 -21.60 2.12
CA TYR A 342 -48.89 -21.04 2.68
C TYR A 342 -49.76 -20.45 1.57
N LYS A 343 -49.15 -19.64 0.69
CA LYS A 343 -49.88 -18.97 -0.38
C LYS A 343 -50.42 -20.00 -1.39
N CYS A 344 -49.59 -20.97 -1.76
CA CYS A 344 -49.97 -21.96 -2.76
C CYS A 344 -51.15 -22.79 -2.28
N LEU A 345 -51.17 -23.12 -0.98
CA LEU A 345 -52.25 -23.91 -0.40
C LEU A 345 -53.57 -23.19 -0.56
N LEU A 346 -53.57 -21.88 -0.29
CA LEU A 346 -54.79 -21.07 -0.37
C LEU A 346 -55.28 -20.99 -1.81
N ASP A 347 -54.35 -20.90 -2.77
CA ASP A 347 -54.68 -20.81 -4.17
C ASP A 347 -55.29 -22.12 -4.66
N ARG A 348 -54.72 -23.25 -4.23
CA ARG A 348 -55.09 -24.55 -4.76
C ARG A 348 -56.38 -25.05 -4.09
N VAL A 349 -56.57 -24.71 -2.81
CA VAL A 349 -57.72 -25.20 -2.06
C VAL A 349 -58.59 -24.01 -1.66
N PRO A 350 -59.86 -23.92 -2.15
CA PRO A 350 -60.76 -22.85 -1.74
C PRO A 350 -61.28 -23.03 -0.32
N GLU A 351 -62.08 -22.07 0.15
CA GLU A 351 -62.55 -22.04 1.53
C GLU A 351 -63.61 -23.11 1.76
N GLU A 352 -64.42 -23.39 0.71
CA GLU A 352 -65.51 -24.34 0.82
C GLU A 352 -64.98 -25.78 0.80
N GLU A 353 -63.76 -25.98 0.29
CA GLU A 353 -63.13 -27.30 0.24
C GLU A 353 -62.00 -27.38 1.25
N LYS A 354 -62.20 -26.79 2.44
CA LYS A 354 -61.16 -26.70 3.45
C LYS A 354 -60.86 -28.09 4.02
N ASP A 355 -61.92 -28.83 4.37
CA ASP A 355 -61.77 -30.10 5.06
C ASP A 355 -62.18 -31.27 4.16
N THR A 356 -62.32 -31.01 2.85
CA THR A 356 -62.56 -32.06 1.88
C THR A 356 -61.25 -32.43 1.18
N ASN A 357 -60.46 -31.41 0.83
CA ASN A 357 -59.27 -31.60 0.00
C ASN A 357 -58.04 -31.63 0.90
N VAL A 358 -57.33 -32.77 0.86
CA VAL A 358 -56.02 -32.91 1.48
C VAL A 358 -54.97 -32.85 0.37
N GLN A 359 -54.11 -31.83 0.42
CA GLN A 359 -53.06 -31.65 -0.57
C GLN A 359 -51.93 -32.63 -0.29
N VAL A 360 -51.37 -33.21 -1.37
CA VAL A 360 -50.24 -34.11 -1.26
C VAL A 360 -48.96 -33.30 -1.52
N LEU A 361 -48.21 -33.02 -0.44
CA LEU A 361 -46.91 -32.38 -0.53
C LEU A 361 -45.83 -33.44 -0.52
N MET A 362 -44.70 -33.14 -1.19
CA MET A 362 -43.56 -34.04 -1.26
C MET A 362 -42.28 -33.21 -1.19
N VAL A 363 -41.65 -33.20 -0.01
CA VAL A 363 -40.34 -32.58 0.15
C VAL A 363 -39.31 -33.48 -0.51
N LEU A 364 -38.67 -32.97 -1.58
CA LEU A 364 -37.66 -33.70 -2.32
C LEU A 364 -36.28 -33.24 -1.87
N GLY A 365 -35.63 -34.05 -1.03
CA GLY A 365 -34.39 -33.67 -0.37
C GLY A 365 -34.67 -33.05 0.99
N ALA A 366 -35.19 -33.88 1.91
CA ALA A 366 -35.75 -33.40 3.16
C ALA A 366 -34.65 -33.02 4.16
N GLY A 367 -33.48 -33.67 4.06
CA GLY A 367 -32.39 -33.42 5.00
C GLY A 367 -32.79 -33.86 6.41
N ARG A 368 -32.60 -32.96 7.39
CA ARG A 368 -33.02 -33.23 8.76
C ARG A 368 -34.41 -32.64 9.02
N GLY A 369 -35.07 -32.16 7.95
CA GLY A 369 -36.49 -31.85 7.98
C GLY A 369 -36.81 -30.44 8.45
N PRO A 370 -36.19 -29.38 7.90
CA PRO A 370 -36.68 -28.01 8.09
C PRO A 370 -37.87 -27.66 7.21
N LEU A 371 -37.85 -28.13 5.96
CA LEU A 371 -38.92 -27.86 5.00
C LEU A 371 -40.18 -28.61 5.40
N VAL A 372 -40.03 -29.76 6.05
CA VAL A 372 -41.16 -30.54 6.54
C VAL A 372 -41.85 -29.75 7.65
N ASN A 373 -41.05 -29.24 8.59
CA ASN A 373 -41.57 -28.42 9.69
C ASN A 373 -42.25 -27.18 9.15
N ALA A 374 -41.64 -26.53 8.16
CA ALA A 374 -42.19 -25.33 7.54
C ALA A 374 -43.50 -25.65 6.84
N SER A 375 -43.58 -26.84 6.22
CA SER A 375 -44.78 -27.28 5.53
C SER A 375 -45.91 -27.51 6.53
N LEU A 376 -45.57 -27.92 7.76
CA LEU A 376 -46.54 -28.10 8.82
C LEU A 376 -47.03 -26.74 9.31
N ARG A 377 -46.10 -25.79 9.53
CA ARG A 377 -46.43 -24.46 9.98
C ARG A 377 -47.32 -23.77 8.95
N ALA A 378 -46.95 -23.90 7.66
CA ALA A 378 -47.64 -23.26 6.56
C ALA A 378 -49.10 -23.73 6.49
N ALA A 379 -49.31 -25.03 6.69
CA ALA A 379 -50.64 -25.63 6.61
C ALA A 379 -51.50 -25.19 7.80
N LYS A 380 -50.86 -24.91 8.94
CA LYS A 380 -51.57 -24.53 10.15
C LYS A 380 -52.00 -23.07 10.09
N GLN A 381 -51.12 -22.19 9.58
CA GLN A 381 -51.43 -20.78 9.46
C GLN A 381 -52.45 -20.57 8.35
N ALA A 382 -52.42 -21.44 7.32
CA ALA A 382 -53.38 -21.44 6.24
C ALA A 382 -54.68 -22.12 6.66
N ASP A 383 -54.55 -23.11 7.56
CA ASP A 383 -55.66 -23.92 8.02
C ASP A 383 -56.17 -24.78 6.86
N ARG A 384 -55.26 -25.64 6.35
CA ARG A 384 -55.59 -26.57 5.28
C ARG A 384 -54.95 -27.92 5.59
N ARG A 385 -55.49 -28.99 4.99
CA ARG A 385 -55.04 -30.35 5.24
C ARG A 385 -53.96 -30.73 4.23
N ILE A 386 -52.90 -31.41 4.73
CA ILE A 386 -51.79 -31.82 3.88
C ILE A 386 -51.40 -33.26 4.21
N LYS A 387 -50.80 -33.92 3.21
CA LYS A 387 -50.20 -35.24 3.39
C LYS A 387 -48.76 -35.18 2.88
N LEU A 388 -47.80 -35.30 3.81
CA LEU A 388 -46.41 -35.05 3.53
C LEU A 388 -45.68 -36.35 3.20
N TYR A 389 -44.85 -36.29 2.16
CA TYR A 389 -43.77 -37.25 1.95
C TYR A 389 -42.45 -36.52 2.23
N ALA A 390 -41.46 -37.26 2.72
CA ALA A 390 -40.13 -36.71 2.98
C ALA A 390 -39.09 -37.60 2.33
N VAL A 391 -38.83 -37.33 1.03
CA VAL A 391 -37.87 -38.08 0.25
C VAL A 391 -36.47 -37.55 0.58
N GLU A 392 -35.55 -38.48 0.88
CA GLU A 392 -34.16 -38.16 1.17
C GLU A 392 -33.29 -39.36 0.82
N LYS A 393 -32.20 -39.11 0.10
CA LYS A 393 -31.31 -40.18 -0.36
C LYS A 393 -30.25 -40.44 0.71
N ASN A 394 -29.73 -39.38 1.32
CA ASN A 394 -28.71 -39.49 2.36
C ASN A 394 -29.25 -40.34 3.50
N PRO A 395 -28.73 -41.56 3.72
CA PRO A 395 -29.28 -42.46 4.74
C PRO A 395 -28.99 -42.01 6.17
N ASN A 396 -27.95 -41.18 6.32
CA ASN A 396 -27.55 -40.67 7.63
C ASN A 396 -28.56 -39.64 8.12
N ALA A 397 -29.08 -38.82 7.19
CA ALA A 397 -30.10 -37.84 7.50
C ALA A 397 -31.43 -38.54 7.78
N VAL A 398 -31.72 -39.59 7.02
CA VAL A 398 -32.95 -40.36 7.16
C VAL A 398 -33.08 -40.90 8.59
N VAL A 399 -31.95 -41.07 9.29
CA VAL A 399 -31.97 -41.46 10.69
C VAL A 399 -32.61 -40.34 11.51
N THR A 400 -32.24 -39.10 11.21
CA THR A 400 -32.78 -37.93 11.90
C THR A 400 -34.29 -37.83 11.64
N LEU A 401 -34.67 -37.98 10.37
CA LEU A 401 -36.05 -37.81 9.94
C LEU A 401 -36.96 -38.81 10.66
N GLU A 402 -36.54 -40.07 10.74
CA GLU A 402 -37.37 -41.14 11.27
C GLU A 402 -37.53 -41.01 12.79
N ASN A 403 -36.47 -40.54 13.47
CA ASN A 403 -36.53 -40.31 14.91
C ASN A 403 -37.47 -39.15 15.22
N TRP A 404 -37.36 -38.07 14.44
CA TRP A 404 -38.32 -36.97 14.50
C TRP A 404 -39.72 -37.48 14.22
N GLN A 405 -39.86 -38.26 13.14
CA GLN A 405 -41.17 -38.70 12.66
C GLN A 405 -41.88 -39.53 13.72
N PHE A 406 -41.13 -40.41 14.40
CA PHE A 406 -41.68 -41.28 15.42
C PHE A 406 -42.09 -40.46 16.64
N GLU A 407 -41.28 -39.47 17.00
CA GLU A 407 -41.48 -38.72 18.23
C GLU A 407 -42.50 -37.60 18.04
N GLU A 408 -42.44 -36.89 16.90
CA GLU A 408 -43.16 -35.64 16.73
C GLU A 408 -44.24 -35.76 15.66
N TRP A 409 -43.82 -35.92 14.40
CA TRP A 409 -44.71 -35.74 13.25
C TRP A 409 -45.83 -36.77 13.26
N GLY A 410 -45.47 -38.06 13.11
CA GLY A 410 -46.44 -39.14 13.07
C GLY A 410 -46.64 -39.67 11.65
N SER A 411 -47.83 -40.20 11.37
CA SER A 411 -48.12 -40.89 10.13
C SER A 411 -48.59 -39.92 9.05
N GLN A 412 -48.65 -38.62 9.38
CA GLN A 412 -48.92 -37.59 8.37
C GLN A 412 -47.71 -37.46 7.45
N VAL A 413 -46.51 -37.57 8.02
CA VAL A 413 -45.27 -37.54 7.25
C VAL A 413 -44.83 -38.98 6.98
N THR A 414 -44.64 -39.30 5.70
CA THR A 414 -44.11 -40.59 5.28
C THR A 414 -42.67 -40.41 4.81
N VAL A 415 -41.71 -40.80 5.68
CA VAL A 415 -40.30 -40.68 5.35
C VAL A 415 -39.97 -41.74 4.29
N VAL A 416 -39.37 -41.29 3.19
CA VAL A 416 -38.93 -42.17 2.12
C VAL A 416 -37.41 -42.05 2.02
N SER A 417 -36.73 -43.20 2.06
CA SER A 417 -35.27 -43.26 1.98
C SER A 417 -34.87 -43.69 0.58
N SER A 418 -34.82 -42.74 -0.36
CA SER A 418 -34.60 -43.05 -1.76
C SER A 418 -34.15 -41.82 -2.54
N ASP A 419 -33.60 -42.07 -3.73
CA ASP A 419 -33.36 -41.04 -4.72
C ASP A 419 -34.72 -40.67 -5.33
N MET A 420 -34.92 -39.38 -5.62
CA MET A 420 -36.20 -38.92 -6.14
C MET A 420 -36.33 -39.33 -7.61
N ARG A 421 -35.19 -39.51 -8.28
CA ARG A 421 -35.15 -39.90 -9.69
C ARG A 421 -35.55 -41.36 -9.85
N GLU A 422 -35.34 -42.15 -8.79
CA GLU A 422 -35.58 -43.59 -8.79
C GLU A 422 -36.96 -43.90 -8.22
N TRP A 423 -37.26 -43.27 -7.08
CA TRP A 423 -38.45 -43.57 -6.28
C TRP A 423 -39.69 -43.74 -7.16
N VAL A 424 -40.34 -44.91 -7.01
CA VAL A 424 -41.63 -45.16 -7.62
C VAL A 424 -42.70 -44.67 -6.64
N ALA A 425 -43.33 -43.54 -6.97
CA ALA A 425 -44.30 -42.92 -6.08
C ALA A 425 -45.59 -43.75 -6.05
N PRO A 426 -46.22 -43.94 -4.87
CA PRO A 426 -47.53 -44.59 -4.79
C PRO A 426 -48.70 -43.62 -4.94
N GLU A 427 -48.38 -42.34 -5.23
CA GLU A 427 -49.37 -41.28 -5.32
C GLU A 427 -48.71 -40.09 -6.01
N LYS A 428 -49.51 -39.28 -6.73
CA LYS A 428 -48.99 -38.10 -7.40
C LYS A 428 -49.19 -36.88 -6.49
N ALA A 429 -48.26 -35.92 -6.61
CA ALA A 429 -48.19 -34.78 -5.72
C ALA A 429 -48.97 -33.61 -6.30
N ASP A 430 -49.54 -32.79 -5.41
CA ASP A 430 -50.12 -31.51 -5.77
C ASP A 430 -49.03 -30.43 -5.72
N ILE A 431 -48.11 -30.56 -4.74
CA ILE A 431 -46.96 -29.69 -4.60
C ILE A 431 -45.72 -30.55 -4.38
N ILE A 432 -44.60 -30.12 -4.98
CA ILE A 432 -43.29 -30.67 -4.67
C ILE A 432 -42.41 -29.52 -4.18
N VAL A 433 -41.82 -29.68 -3.00
CA VAL A 433 -40.92 -28.69 -2.42
C VAL A 433 -39.50 -29.24 -2.51
N SER A 434 -38.53 -28.34 -2.79
CA SER A 434 -37.14 -28.74 -2.93
C SER A 434 -36.22 -27.60 -2.51
N GLU A 435 -34.99 -27.96 -2.13
CA GLU A 435 -33.98 -27.01 -1.69
C GLU A 435 -32.64 -27.44 -2.29
N LEU A 436 -32.64 -27.67 -3.61
CA LEU A 436 -31.51 -28.27 -4.30
C LEU A 436 -30.67 -27.20 -4.99
N LEU A 437 -30.64 -25.98 -4.43
CA LEU A 437 -29.98 -24.87 -5.07
C LEU A 437 -28.67 -24.55 -4.34
N GLY A 438 -27.60 -24.37 -5.13
CA GLY A 438 -26.33 -23.88 -4.63
C GLY A 438 -26.19 -22.38 -4.87
N SER A 439 -24.93 -21.91 -4.92
CA SER A 439 -24.64 -20.49 -5.06
C SER A 439 -24.78 -20.04 -6.52
N PHE A 440 -24.65 -20.98 -7.45
CA PHE A 440 -24.87 -20.69 -8.87
C PHE A 440 -26.18 -21.35 -9.33
N ALA A 441 -27.14 -21.45 -8.40
CA ALA A 441 -28.46 -22.03 -8.66
C ALA A 441 -28.35 -23.51 -9.03
N ASP A 442 -27.99 -23.78 -10.28
CA ASP A 442 -28.12 -25.11 -10.86
C ASP A 442 -26.87 -25.96 -10.65
N ASN A 443 -25.98 -25.54 -9.74
CA ASN A 443 -24.69 -26.19 -9.57
C ASN A 443 -24.81 -27.44 -8.70
N GLU A 444 -25.99 -27.69 -8.12
CA GLU A 444 -26.25 -28.92 -7.38
C GLU A 444 -27.10 -29.88 -8.22
N LEU A 445 -27.30 -29.54 -9.50
CA LEU A 445 -28.04 -30.37 -10.45
C LEU A 445 -29.51 -30.45 -10.05
N SER A 446 -30.06 -29.31 -9.60
CA SER A 446 -31.48 -29.22 -9.28
C SER A 446 -32.33 -29.50 -10.52
N PRO A 447 -31.96 -29.01 -11.72
CA PRO A 447 -32.65 -29.38 -12.95
C PRO A 447 -32.83 -30.88 -13.16
N GLU A 448 -31.73 -31.64 -13.03
CA GLU A 448 -31.73 -33.07 -13.34
C GLU A 448 -32.59 -33.83 -12.35
N CYS A 449 -32.49 -33.47 -11.06
CA CYS A 449 -33.22 -34.16 -10.01
C CYS A 449 -34.71 -33.93 -10.15
N LEU A 450 -35.12 -32.66 -10.34
CA LEU A 450 -36.53 -32.30 -10.40
C LEU A 450 -37.15 -32.76 -11.73
N ASP A 451 -36.32 -32.90 -12.78
CA ASP A 451 -36.77 -33.45 -14.04
C ASP A 451 -37.14 -34.92 -13.86
N GLY A 452 -36.31 -35.64 -13.09
CA GLY A 452 -36.53 -37.06 -12.82
C GLY A 452 -37.72 -37.29 -11.90
N ALA A 453 -38.00 -36.31 -11.03
CA ALA A 453 -39.07 -36.40 -10.05
C ALA A 453 -40.36 -35.80 -10.62
N GLN A 454 -40.34 -35.40 -11.89
CA GLN A 454 -41.42 -34.64 -12.50
C GLN A 454 -42.62 -35.55 -12.78
N HIS A 455 -42.37 -36.85 -13.00
CA HIS A 455 -43.39 -37.78 -13.44
C HIS A 455 -44.46 -38.00 -12.37
N PHE A 456 -44.11 -37.87 -11.09
CA PHE A 456 -45.08 -38.08 -10.02
C PHE A 456 -45.66 -36.74 -9.54
N LEU A 457 -45.53 -35.69 -10.36
CA LEU A 457 -46.27 -34.46 -10.16
C LEU A 457 -47.59 -34.56 -10.91
N LYS A 458 -48.65 -34.01 -10.32
CA LYS A 458 -49.95 -33.93 -10.99
C LYS A 458 -49.83 -33.02 -12.21
N ASP A 459 -50.73 -33.22 -13.18
CA ASP A 459 -50.69 -32.47 -14.43
C ASP A 459 -50.82 -30.96 -14.15
N ASP A 460 -51.56 -30.61 -13.09
CA ASP A 460 -51.71 -29.23 -12.68
C ASP A 460 -50.94 -28.97 -11.38
N GLY A 461 -49.82 -29.69 -11.20
CA GLY A 461 -49.05 -29.62 -9.97
C GLY A 461 -48.10 -28.41 -9.97
N VAL A 462 -47.66 -28.03 -8.76
CA VAL A 462 -46.77 -26.89 -8.57
C VAL A 462 -45.43 -27.40 -8.07
N SER A 463 -44.36 -26.66 -8.41
CA SER A 463 -43.04 -26.89 -7.85
C SER A 463 -42.60 -25.64 -7.08
N ILE A 464 -42.01 -25.86 -5.90
CA ILE A 464 -41.42 -24.80 -5.11
C ILE A 464 -39.96 -25.17 -4.84
N PRO A 465 -38.96 -24.51 -5.47
CA PRO A 465 -39.19 -23.35 -6.32
C PRO A 465 -39.73 -23.68 -7.71
N GLY A 466 -40.40 -22.70 -8.32
CA GLY A 466 -40.94 -22.82 -9.66
C GLY A 466 -39.94 -22.35 -10.73
N GLU A 467 -38.96 -21.54 -10.32
CA GLU A 467 -37.97 -21.01 -11.24
C GLU A 467 -36.73 -20.56 -10.46
N TYR A 468 -35.58 -20.55 -11.14
CA TYR A 468 -34.38 -19.94 -10.60
C TYR A 468 -33.47 -19.52 -11.75
N THR A 469 -32.69 -18.46 -11.51
CA THR A 469 -31.78 -17.90 -12.49
C THR A 469 -30.42 -17.68 -11.83
N SER A 470 -29.35 -17.83 -12.63
CA SER A 470 -27.99 -17.52 -12.20
C SER A 470 -27.52 -16.22 -12.86
N PHE A 471 -26.70 -15.46 -12.14
CA PHE A 471 -26.17 -14.19 -12.63
C PHE A 471 -24.64 -14.23 -12.59
N LEU A 472 -24.00 -13.46 -13.47
CA LEU A 472 -22.55 -13.35 -13.53
C LEU A 472 -22.15 -11.86 -13.57
N ALA A 473 -20.98 -11.56 -13.01
CA ALA A 473 -20.43 -10.22 -13.05
C ALA A 473 -18.90 -10.30 -13.07
N PRO A 474 -18.20 -9.57 -13.98
CA PRO A 474 -16.74 -9.58 -14.01
C PRO A 474 -16.16 -8.84 -12.82
N ILE A 475 -15.07 -9.37 -12.26
CA ILE A 475 -14.46 -8.79 -11.06
C ILE A 475 -12.95 -8.64 -11.26
N SER A 476 -12.40 -7.64 -10.59
CA SER A 476 -10.97 -7.44 -10.47
C SER A 476 -10.56 -7.68 -9.02
N SER A 477 -9.69 -8.68 -8.80
CA SER A 477 -9.17 -8.96 -7.47
C SER A 477 -7.82 -9.68 -7.57
N SER A 478 -6.75 -8.89 -7.43
CA SER A 478 -5.39 -9.41 -7.43
C SER A 478 -5.16 -10.30 -6.21
N LYS A 479 -5.97 -10.11 -5.15
CA LYS A 479 -5.96 -10.94 -3.97
C LYS A 479 -6.50 -12.34 -4.31
N LEU A 480 -7.74 -12.38 -4.82
CA LEU A 480 -8.44 -13.63 -5.08
C LEU A 480 -7.71 -14.43 -6.16
N TYR A 481 -7.21 -13.75 -7.20
CA TYR A 481 -6.42 -14.39 -8.24
C TYR A 481 -5.24 -15.12 -7.59
N ASN A 482 -4.55 -14.43 -6.68
CA ASN A 482 -3.35 -14.95 -6.05
C ASN A 482 -3.71 -16.08 -5.08
N GLU A 483 -4.96 -16.05 -4.59
CA GLU A 483 -5.47 -17.06 -3.67
C GLU A 483 -5.72 -18.37 -4.42
N VAL A 484 -6.37 -18.27 -5.58
CA VAL A 484 -6.65 -19.42 -6.42
C VAL A 484 -5.34 -20.07 -6.84
N ARG A 485 -4.43 -19.23 -7.36
CA ARG A 485 -3.09 -19.62 -7.75
C ARG A 485 -2.47 -20.58 -6.72
N ALA A 486 -2.68 -20.28 -5.43
CA ALA A 486 -2.06 -21.02 -4.34
C ALA A 486 -2.77 -22.33 -4.04
N CYS A 487 -3.80 -22.69 -4.82
CA CYS A 487 -4.51 -23.94 -4.64
C CYS A 487 -3.97 -25.03 -5.56
N ARG A 488 -2.72 -24.87 -6.04
CA ARG A 488 -2.08 -25.88 -6.85
C ARG A 488 -1.73 -27.07 -5.96
N GLU A 489 -2.07 -28.28 -6.43
CA GLU A 489 -1.87 -29.50 -5.68
C GLU A 489 -1.02 -30.48 -6.49
N LYS A 490 -0.33 -31.38 -5.78
CA LYS A 490 0.44 -32.43 -6.40
C LYS A 490 -0.48 -33.34 -7.21
N ASP A 491 0.08 -33.94 -8.27
CA ASP A 491 -0.52 -35.09 -8.94
C ASP A 491 -1.80 -34.71 -9.67
N ARG A 492 -1.87 -33.47 -10.19
CA ARG A 492 -2.93 -33.05 -11.08
C ARG A 492 -2.40 -31.95 -11.98
N ASP A 493 -3.26 -31.42 -12.86
CA ASP A 493 -2.86 -30.37 -13.79
C ASP A 493 -2.35 -29.17 -13.00
N PRO A 494 -1.22 -28.55 -13.42
CA PRO A 494 -0.73 -27.32 -12.77
C PRO A 494 -1.73 -26.16 -12.69
N GLU A 495 -2.69 -26.12 -13.63
CA GLU A 495 -3.63 -25.01 -13.70
C GLU A 495 -5.06 -25.49 -13.49
N ALA A 496 -5.23 -26.64 -12.84
CA ALA A 496 -6.56 -27.18 -12.57
C ALA A 496 -7.36 -26.22 -11.69
N GLN A 497 -6.67 -25.55 -10.76
CA GLN A 497 -7.31 -24.68 -9.78
C GLN A 497 -8.06 -23.54 -10.44
N PHE A 498 -7.62 -23.11 -11.63
CA PHE A 498 -8.24 -22.00 -12.33
C PHE A 498 -9.51 -22.45 -13.07
N GLU A 499 -9.67 -23.77 -13.25
CA GLU A 499 -10.76 -24.30 -14.05
C GLU A 499 -11.84 -24.93 -13.16
N MET A 500 -12.11 -24.31 -12.00
CA MET A 500 -13.14 -24.81 -11.10
C MET A 500 -13.68 -23.67 -10.25
N PRO A 501 -15.00 -23.62 -9.98
CA PRO A 501 -15.59 -22.55 -9.17
C PRO A 501 -15.33 -22.73 -7.68
N TYR A 502 -15.38 -21.61 -6.94
CA TYR A 502 -15.19 -21.61 -5.50
C TYR A 502 -16.31 -20.79 -4.85
N VAL A 503 -16.79 -21.29 -3.71
CA VAL A 503 -17.67 -20.51 -2.84
C VAL A 503 -16.79 -19.65 -1.94
N VAL A 504 -17.03 -18.34 -1.95
CA VAL A 504 -16.17 -17.39 -1.26
C VAL A 504 -16.96 -16.13 -0.94
N ARG A 505 -16.76 -15.63 0.29
CA ARG A 505 -17.27 -14.31 0.67
C ARG A 505 -16.35 -13.26 0.07
N LEU A 506 -16.78 -12.70 -1.07
CA LEU A 506 -15.98 -11.74 -1.82
C LEU A 506 -15.88 -10.44 -1.03
N HIS A 507 -14.66 -10.06 -0.66
CA HIS A 507 -14.44 -8.90 0.19
C HIS A 507 -13.50 -7.91 -0.52
N ASN A 508 -12.23 -8.28 -0.64
CA ASN A 508 -11.23 -7.43 -1.28
C ASN A 508 -11.29 -7.65 -2.79
N PHE A 509 -12.28 -7.02 -3.44
CA PHE A 509 -12.48 -7.19 -4.87
C PHE A 509 -13.20 -5.96 -5.43
N HIS A 510 -13.17 -5.84 -6.76
CA HIS A 510 -13.87 -4.79 -7.47
C HIS A 510 -14.76 -5.41 -8.54
N GLN A 511 -16.06 -5.11 -8.50
CA GLN A 511 -16.99 -5.56 -9.52
C GLN A 511 -17.02 -4.52 -10.64
N LEU A 512 -16.73 -4.96 -11.86
CA LEU A 512 -16.48 -4.05 -12.97
C LEU A 512 -17.80 -3.61 -13.60
N SER A 513 -18.66 -4.59 -13.94
CA SER A 513 -19.95 -4.31 -14.54
C SER A 513 -21.06 -4.89 -13.66
N ALA A 514 -22.31 -4.48 -13.94
CA ALA A 514 -23.46 -4.94 -13.18
C ALA A 514 -23.78 -6.38 -13.56
N PRO A 515 -24.23 -7.23 -12.60
CA PRO A 515 -24.57 -8.62 -12.91
C PRO A 515 -25.62 -8.77 -14.00
N GLN A 516 -25.50 -9.83 -14.80
CA GLN A 516 -26.46 -10.13 -15.86
C GLN A 516 -26.87 -11.59 -15.78
N PRO A 517 -28.11 -11.94 -16.17
CA PRO A 517 -28.61 -13.32 -16.05
C PRO A 517 -27.92 -14.28 -17.03
N CYS A 518 -27.53 -15.45 -16.52
CA CYS A 518 -26.79 -16.43 -17.29
C CYS A 518 -27.71 -17.58 -17.72
N PHE A 519 -28.13 -18.41 -16.75
CA PHE A 519 -28.93 -19.59 -17.02
C PHE A 519 -30.22 -19.53 -16.21
N THR A 520 -31.31 -20.00 -16.81
CA THR A 520 -32.62 -20.02 -16.17
C THR A 520 -33.23 -21.42 -16.30
N PHE A 521 -33.96 -21.83 -15.27
CA PHE A 521 -34.64 -23.12 -15.27
C PHE A 521 -36.04 -22.95 -14.68
N SER A 522 -37.04 -23.53 -15.35
CA SER A 522 -38.42 -23.54 -14.89
C SER A 522 -38.84 -24.96 -14.55
N HIS A 523 -39.62 -25.09 -13.46
CA HIS A 523 -40.15 -26.38 -13.03
C HIS A 523 -41.63 -26.21 -12.69
N PRO A 524 -42.55 -27.07 -13.21
CA PRO A 524 -42.18 -28.21 -14.06
C PRO A 524 -41.86 -27.84 -15.51
N ASN A 525 -40.80 -28.48 -16.05
CA ASN A 525 -40.34 -28.24 -17.41
C ASN A 525 -41.30 -28.92 -18.39
N ARG A 526 -41.77 -28.16 -19.38
CA ARG A 526 -42.77 -28.64 -20.33
C ARG A 526 -42.25 -28.54 -21.78
N ASP A 527 -40.95 -28.28 -21.95
CA ASP A 527 -40.34 -28.22 -23.27
C ASP A 527 -39.99 -29.64 -23.71
N PRO A 528 -40.56 -30.14 -24.83
CA PRO A 528 -40.31 -31.53 -25.27
C PRO A 528 -38.83 -31.86 -25.39
N MET A 529 -38.47 -33.09 -25.01
CA MET A 529 -37.09 -33.54 -24.93
C MET A 529 -36.28 -32.51 -24.13
N ILE A 530 -36.51 -32.51 -22.82
CA ILE A 530 -35.94 -31.51 -21.92
C ILE A 530 -34.42 -31.58 -22.00
N ASP A 531 -33.79 -30.45 -22.36
CA ASP A 531 -32.34 -30.34 -22.45
C ASP A 531 -31.88 -29.29 -21.44
N ASN A 532 -30.98 -29.68 -20.54
CA ASN A 532 -30.46 -28.80 -19.51
C ASN A 532 -29.09 -28.26 -19.90
N ASN A 533 -28.60 -28.63 -21.09
CA ASN A 533 -27.39 -28.02 -21.64
C ASN A 533 -27.71 -26.60 -22.10
N ARG A 534 -26.71 -25.71 -22.01
CA ARG A 534 -26.91 -24.30 -22.29
C ARG A 534 -25.64 -23.67 -22.85
N TYR A 535 -25.81 -22.47 -23.42
CA TYR A 535 -24.72 -21.66 -23.94
C TYR A 535 -25.19 -20.21 -23.95
N CYS A 536 -24.52 -19.35 -23.18
CA CYS A 536 -24.94 -17.97 -22.99
C CYS A 536 -23.76 -17.03 -23.25
N THR A 537 -24.01 -15.99 -24.05
CA THR A 537 -23.04 -14.94 -24.29
C THR A 537 -23.48 -13.69 -23.53
N LEU A 538 -22.57 -13.12 -22.74
CA LEU A 538 -22.82 -11.90 -22.00
C LEU A 538 -21.80 -10.85 -22.41
N GLU A 539 -22.26 -9.59 -22.49
CA GLU A 539 -21.39 -8.45 -22.78
C GLU A 539 -21.49 -7.47 -21.62
N PHE A 540 -20.35 -7.19 -20.99
CA PHE A 540 -20.28 -6.35 -19.80
C PHE A 540 -19.60 -5.02 -20.15
N PRO A 541 -20.34 -3.88 -20.21
CA PRO A 541 -19.73 -2.58 -20.43
C PRO A 541 -18.92 -2.10 -19.22
N VAL A 542 -17.61 -2.00 -19.40
CA VAL A 542 -16.71 -1.54 -18.35
C VAL A 542 -16.42 -0.05 -18.58
N GLU A 543 -16.38 0.73 -17.48
CA GLU A 543 -16.25 2.17 -17.54
C GLU A 543 -14.99 2.63 -16.83
N VAL A 544 -14.05 1.70 -16.58
CA VAL A 544 -12.81 2.01 -15.89
C VAL A 544 -11.69 1.17 -16.50
N ASN A 545 -10.44 1.60 -16.28
CA ASN A 545 -9.29 0.75 -16.51
C ASN A 545 -9.24 -0.25 -15.35
N THR A 546 -8.80 -1.47 -15.62
CA THR A 546 -8.82 -2.53 -14.62
C THR A 546 -8.12 -3.79 -15.15
N VAL A 547 -8.10 -4.84 -14.31
CA VAL A 547 -7.56 -6.13 -14.70
C VAL A 547 -8.52 -7.23 -14.22
N LEU A 548 -9.17 -7.89 -15.20
CA LEU A 548 -10.15 -8.94 -14.95
C LEU A 548 -9.43 -10.19 -14.42
N HIS A 549 -9.93 -10.74 -13.30
CA HIS A 549 -9.35 -11.92 -12.68
C HIS A 549 -10.34 -13.08 -12.62
N GLY A 550 -11.64 -12.81 -12.81
CA GLY A 550 -12.63 -13.87 -12.74
C GLY A 550 -14.06 -13.31 -12.87
N PHE A 551 -15.04 -14.14 -12.51
CA PHE A 551 -16.45 -13.79 -12.62
C PHE A 551 -17.17 -14.24 -11.35
N ALA A 552 -17.70 -13.26 -10.59
CA ALA A 552 -18.56 -13.54 -9.46
C ALA A 552 -19.88 -14.10 -9.97
N GLY A 553 -20.41 -15.11 -9.27
CA GLY A 553 -21.67 -15.73 -9.63
C GLY A 553 -22.67 -15.65 -8.46
N TYR A 554 -23.91 -15.29 -8.80
CA TYR A 554 -24.99 -15.16 -7.84
C TYR A 554 -26.18 -15.96 -8.38
N PHE A 555 -27.33 -15.88 -7.69
CA PHE A 555 -28.54 -16.50 -8.19
C PHE A 555 -29.78 -15.86 -7.56
N GLU A 556 -30.90 -15.93 -8.29
CA GLU A 556 -32.23 -15.61 -7.81
C GLU A 556 -33.12 -16.83 -8.00
N THR A 557 -34.14 -16.97 -7.14
CA THR A 557 -35.11 -18.04 -7.28
C THR A 557 -36.51 -17.52 -6.93
N VAL A 558 -37.48 -17.93 -7.75
CA VAL A 558 -38.89 -17.68 -7.50
C VAL A 558 -39.47 -18.94 -6.85
N LEU A 559 -39.82 -18.83 -5.56
CA LEU A 559 -40.36 -19.96 -4.82
C LEU A 559 -41.77 -20.27 -5.32
N TYR A 560 -42.61 -19.23 -5.49
CA TYR A 560 -43.97 -19.43 -5.97
C TYR A 560 -44.40 -18.28 -6.88
N GLN A 561 -44.50 -17.06 -6.34
CA GLN A 561 -45.02 -15.93 -7.09
C GLN A 561 -44.17 -14.69 -6.81
N ASP A 562 -44.50 -13.96 -5.73
CA ASP A 562 -43.77 -12.77 -5.34
C ASP A 562 -42.86 -13.10 -4.17
N ILE A 563 -42.89 -14.36 -3.72
CA ILE A 563 -41.99 -14.85 -2.69
C ILE A 563 -40.73 -15.35 -3.39
N THR A 564 -39.57 -14.80 -3.00
CA THR A 564 -38.32 -15.06 -3.70
C THR A 564 -37.18 -15.18 -2.69
N LEU A 565 -36.06 -15.74 -3.16
CA LEU A 565 -34.78 -15.65 -2.48
C LEU A 565 -33.75 -15.19 -3.51
N SER A 566 -32.67 -14.57 -3.02
CA SER A 566 -31.68 -13.96 -3.90
C SER A 566 -30.39 -13.69 -3.14
N ILE A 567 -29.24 -13.90 -3.82
CA ILE A 567 -27.95 -13.45 -3.32
C ILE A 567 -27.31 -12.48 -4.31
N ARG A 568 -28.08 -12.02 -5.30
CA ARG A 568 -27.63 -10.98 -6.21
C ARG A 568 -27.55 -9.67 -5.42
N PRO A 569 -26.37 -9.00 -5.38
CA PRO A 569 -26.17 -7.86 -4.48
C PRO A 569 -27.28 -6.81 -4.46
N GLU A 570 -27.83 -6.51 -5.64
CA GLU A 570 -28.79 -5.41 -5.78
C GLU A 570 -30.19 -5.84 -5.34
N THR A 571 -30.48 -7.15 -5.39
CA THR A 571 -31.77 -7.67 -4.96
C THR A 571 -31.58 -8.71 -3.86
N HIS A 572 -30.58 -8.51 -3.00
CA HIS A 572 -30.20 -9.48 -2.00
C HIS A 572 -31.27 -9.56 -0.91
N SER A 573 -31.70 -10.79 -0.59
CA SER A 573 -32.61 -11.03 0.52
C SER A 573 -31.97 -10.55 1.82
N PRO A 574 -32.58 -9.60 2.56
CA PRO A 574 -31.95 -9.05 3.76
C PRO A 574 -31.91 -10.06 4.91
N GLY A 575 -30.73 -10.19 5.53
CA GLY A 575 -30.56 -11.05 6.70
C GLY A 575 -30.02 -12.44 6.32
N MET A 576 -30.51 -12.98 5.20
CA MET A 576 -30.19 -14.34 4.78
C MET A 576 -28.69 -14.48 4.56
N PHE A 577 -28.12 -15.58 5.08
CA PHE A 577 -26.69 -15.85 4.95
C PHE A 577 -26.47 -17.35 4.78
N SER A 578 -27.31 -17.99 3.96
CA SER A 578 -27.23 -19.42 3.71
C SER A 578 -26.52 -19.69 2.37
N TRP A 579 -26.02 -18.63 1.74
CA TRP A 579 -25.32 -18.73 0.47
C TRP A 579 -24.31 -17.58 0.35
N PHE A 580 -23.04 -17.94 0.15
CA PHE A 580 -22.02 -16.99 -0.27
C PHE A 580 -21.93 -17.04 -1.80
N PRO A 581 -21.41 -15.98 -2.46
CA PRO A 581 -21.25 -16.01 -3.91
C PRO A 581 -20.24 -17.05 -4.36
N ILE A 582 -20.29 -17.37 -5.66
CA ILE A 582 -19.37 -18.31 -6.29
C ILE A 582 -18.39 -17.51 -7.15
N LEU A 583 -17.24 -18.11 -7.46
CA LEU A 583 -16.20 -17.47 -8.26
C LEU A 583 -15.76 -18.42 -9.36
N PHE A 584 -15.79 -17.93 -10.61
CA PHE A 584 -15.22 -18.63 -11.75
C PHE A 584 -13.94 -17.92 -12.18
N PRO A 585 -12.74 -18.43 -11.80
CA PRO A 585 -11.48 -17.77 -12.12
C PRO A 585 -11.14 -17.88 -13.61
N ILE A 586 -10.06 -17.20 -14.01
CA ILE A 586 -9.43 -17.40 -15.31
C ILE A 586 -7.93 -17.56 -15.10
N LYS A 587 -7.29 -18.32 -16.01
CA LYS A 587 -5.90 -18.68 -15.91
C LYS A 587 -5.02 -17.44 -15.86
N GLN A 588 -5.25 -16.52 -16.80
CA GLN A 588 -4.42 -15.35 -17.00
C GLN A 588 -5.27 -14.09 -16.85
N PRO A 589 -4.80 -13.07 -16.09
CA PRO A 589 -5.53 -11.80 -15.98
C PRO A 589 -5.62 -11.11 -17.34
N ILE A 590 -6.66 -10.28 -17.51
CA ILE A 590 -6.93 -9.64 -18.78
C ILE A 590 -7.11 -8.14 -18.56
N THR A 591 -6.25 -7.34 -19.22
CA THR A 591 -6.35 -5.90 -19.22
C THR A 591 -7.66 -5.47 -19.85
N VAL A 592 -8.31 -4.46 -19.26
CA VAL A 592 -9.54 -3.89 -19.79
C VAL A 592 -9.46 -2.37 -19.66
N ARG A 593 -9.53 -1.68 -20.80
CA ARG A 593 -9.47 -0.23 -20.84
C ARG A 593 -10.88 0.34 -20.64
N GLU A 594 -10.95 1.60 -20.21
CA GLU A 594 -12.23 2.26 -20.02
C GLU A 594 -12.91 2.40 -21.38
N GLY A 595 -14.20 2.01 -21.44
CA GLY A 595 -14.96 2.05 -22.68
C GLY A 595 -15.12 0.67 -23.31
N GLN A 596 -14.20 -0.26 -23.00
CA GLN A 596 -14.21 -1.58 -23.61
C GLN A 596 -15.31 -2.44 -22.98
N THR A 597 -15.67 -3.51 -23.69
CA THR A 597 -16.69 -4.46 -23.25
C THR A 597 -16.02 -5.79 -22.96
N ILE A 598 -16.26 -6.34 -21.76
CA ILE A 598 -15.88 -7.70 -21.44
C ILE A 598 -16.97 -8.63 -21.98
N CYS A 599 -16.58 -9.55 -22.87
CA CYS A 599 -17.50 -10.56 -23.39
C CYS A 599 -17.11 -11.93 -22.85
N VAL A 600 -18.02 -12.54 -22.09
CA VAL A 600 -17.80 -13.87 -21.53
C VAL A 600 -18.80 -14.84 -22.15
N ARG A 601 -18.38 -16.10 -22.29
CA ARG A 601 -19.21 -17.18 -22.78
C ARG A 601 -19.27 -18.25 -21.70
N PHE A 602 -20.49 -18.72 -21.37
CA PHE A 602 -20.67 -19.76 -20.38
C PHE A 602 -21.48 -20.91 -20.99
N TRP A 603 -20.98 -22.14 -20.82
CA TRP A 603 -21.69 -23.34 -21.21
C TRP A 603 -22.09 -24.13 -19.96
N ARG A 604 -23.27 -24.78 -20.03
CA ARG A 604 -23.62 -25.84 -19.11
C ARG A 604 -23.63 -27.15 -19.91
N CYS A 605 -22.76 -28.09 -19.51
CA CYS A 605 -22.54 -29.31 -20.28
C CYS A 605 -22.87 -30.52 -19.43
N SER A 606 -23.12 -31.66 -20.09
CA SER A 606 -23.47 -32.88 -19.38
C SER A 606 -23.22 -34.11 -20.26
N ASN A 607 -23.06 -35.25 -19.59
CA ASN A 607 -23.26 -36.56 -20.18
C ASN A 607 -24.12 -37.36 -19.21
N SER A 608 -24.08 -38.69 -19.29
CA SER A 608 -24.93 -39.55 -18.47
C SER A 608 -24.40 -39.65 -17.05
N LYS A 609 -23.16 -39.22 -16.81
CA LYS A 609 -22.51 -39.39 -15.52
C LYS A 609 -22.30 -38.05 -14.81
N LYS A 610 -21.96 -37.00 -15.57
CA LYS A 610 -21.49 -35.76 -14.98
C LYS A 610 -22.21 -34.55 -15.58
N VAL A 611 -22.17 -33.44 -14.84
CA VAL A 611 -22.54 -32.12 -15.33
C VAL A 611 -21.41 -31.17 -14.96
N TRP A 612 -21.08 -30.23 -15.85
CA TRP A 612 -20.02 -29.27 -15.60
C TRP A 612 -20.25 -28.00 -16.41
N TYR A 613 -19.50 -26.96 -16.05
CA TYR A 613 -19.48 -25.71 -16.78
C TYR A 613 -18.16 -25.59 -17.54
N GLU A 614 -18.21 -24.93 -18.70
CA GLU A 614 -17.02 -24.42 -19.36
C GLU A 614 -17.24 -22.92 -19.56
N TRP A 615 -16.16 -22.16 -19.74
CA TRP A 615 -16.27 -20.72 -19.95
C TRP A 615 -15.05 -20.17 -20.67
N ALA A 616 -15.25 -19.03 -21.34
CA ALA A 616 -14.18 -18.37 -22.09
C ALA A 616 -14.50 -16.89 -22.26
N VAL A 617 -13.46 -16.05 -22.11
CA VAL A 617 -13.54 -14.63 -22.42
C VAL A 617 -13.22 -14.46 -23.90
N THR A 618 -14.01 -13.64 -24.62
CA THR A 618 -13.83 -13.47 -26.05
C THR A 618 -13.58 -11.99 -26.39
N ALA A 619 -13.70 -11.11 -25.39
CA ALA A 619 -13.38 -9.70 -25.54
C ALA A 619 -13.04 -9.10 -24.18
N PRO A 620 -12.12 -8.11 -24.09
CA PRO A 620 -11.46 -7.51 -25.25
C PRO A 620 -10.38 -8.37 -25.92
N VAL A 621 -9.85 -9.36 -25.18
CA VAL A 621 -8.97 -10.37 -25.75
C VAL A 621 -9.57 -11.74 -25.44
N CYS A 622 -9.08 -12.76 -26.14
CA CYS A 622 -9.54 -14.12 -25.93
C CYS A 622 -8.76 -14.77 -24.80
N SER A 623 -9.48 -15.55 -23.97
CA SER A 623 -8.88 -16.49 -23.05
C SER A 623 -8.98 -17.89 -23.62
N ALA A 624 -8.31 -18.85 -22.99
CA ALA A 624 -8.54 -20.26 -23.26
C ALA A 624 -9.90 -20.67 -22.72
N ILE A 625 -10.52 -21.64 -23.37
CA ILE A 625 -11.74 -22.25 -22.86
C ILE A 625 -11.38 -23.03 -21.59
N HIS A 626 -12.09 -22.71 -20.50
CA HIS A 626 -11.78 -23.27 -19.20
C HIS A 626 -12.62 -24.52 -18.95
N ASN A 627 -11.97 -25.55 -18.40
CA ASN A 627 -12.62 -26.77 -17.94
C ASN A 627 -13.25 -27.52 -19.12
N PRO A 628 -12.53 -27.70 -20.25
CA PRO A 628 -13.07 -28.50 -21.36
C PRO A 628 -13.29 -29.95 -20.99
N THR A 629 -14.53 -30.43 -21.20
CA THR A 629 -14.92 -31.81 -20.95
C THR A 629 -14.96 -32.10 -19.45
N GLY A 630 -14.95 -31.04 -18.63
CA GLY A 630 -14.96 -31.18 -17.18
C GLY A 630 -13.70 -31.86 -16.66
N ARG A 631 -12.57 -31.61 -17.31
CA ARG A 631 -11.31 -32.27 -16.97
C ARG A 631 -10.89 -31.91 -15.55
N SER A 632 -11.13 -30.66 -15.15
CA SER A 632 -10.69 -30.13 -13.87
C SER A 632 -11.80 -30.15 -12.83
N TYR A 633 -13.07 -30.09 -13.28
CA TYR A 633 -14.20 -30.00 -12.37
C TYR A 633 -15.43 -30.63 -13.00
N THR A 634 -16.04 -31.58 -12.28
CA THR A 634 -17.34 -32.11 -12.65
C THR A 634 -18.24 -32.12 -11.42
N ILE A 635 -19.56 -32.15 -11.69
CA ILE A 635 -20.58 -32.33 -10.68
C ILE A 635 -21.19 -33.71 -10.91
N GLY A 636 -21.22 -34.51 -9.84
CA GLY A 636 -21.60 -35.92 -9.95
C GLY A 636 -23.11 -36.09 -10.04
N LEU A 637 -23.55 -36.89 -11.02
CA LEU A 637 -24.94 -37.33 -11.11
C LEU A 637 -25.11 -38.61 -10.28
N PRO B 21 36.49 20.00 28.62
CA PRO B 21 36.42 21.44 28.46
C PRO B 21 34.99 21.98 28.40
N ASN B 22 34.14 21.51 29.33
CA ASN B 22 32.73 21.87 29.38
C ASN B 22 32.06 21.49 28.06
N ALA B 23 32.17 20.20 27.71
CA ALA B 23 31.66 19.69 26.44
C ALA B 23 31.57 18.17 26.51
N PRO B 24 30.96 17.50 25.51
CA PRO B 24 30.89 16.03 25.49
C PRO B 24 32.26 15.36 25.55
N ALA B 25 32.27 14.11 26.01
CA ALA B 25 33.51 13.38 26.26
C ALA B 25 34.17 12.98 24.95
N CYS B 26 33.35 12.57 23.96
CA CYS B 26 33.86 12.11 22.68
C CYS B 26 32.91 12.51 21.56
N MET B 27 33.48 13.04 20.46
CA MET B 27 32.70 13.43 19.30
C MET B 27 32.51 12.22 18.39
N GLU B 28 31.66 12.37 17.37
CA GLU B 28 31.25 11.26 16.53
C GLU B 28 32.21 11.11 15.35
N ARG B 29 32.19 9.91 14.74
CA ARG B 29 33.16 9.52 13.73
C ARG B 29 33.00 10.36 12.47
N GLN B 30 31.77 10.46 11.96
CA GLN B 30 31.51 11.04 10.65
C GLN B 30 31.43 12.57 10.77
N LEU B 31 32.44 13.25 10.23
CA LEU B 31 32.48 14.71 10.22
C LEU B 31 31.73 15.22 8.98
N GLU B 32 30.68 16.01 9.20
CA GLU B 32 29.76 16.38 8.15
C GLU B 32 30.09 17.75 7.56
N ALA B 33 30.49 18.71 8.41
CA ALA B 33 30.71 20.07 7.97
C ALA B 33 31.87 20.73 8.70
N ALA B 34 32.49 21.71 8.04
CA ALA B 34 33.58 22.50 8.59
C ALA B 34 33.55 23.90 7.97
N ARG B 35 33.42 24.93 8.81
CA ARG B 35 33.32 26.31 8.36
C ARG B 35 34.26 27.20 9.16
N TYR B 36 34.90 28.15 8.47
CA TYR B 36 35.67 29.21 9.10
C TYR B 36 34.81 30.46 9.23
N ARG B 37 35.04 31.25 10.29
CA ARG B 37 34.39 32.54 10.45
C ARG B 37 35.41 33.65 10.22
N SER B 38 35.01 34.90 10.51
CA SER B 38 35.78 36.08 10.18
C SER B 38 37.21 35.97 10.70
N ASP B 39 37.35 35.76 12.02
CA ASP B 39 38.66 35.80 12.67
C ASP B 39 39.50 34.61 12.23
N GLY B 40 38.89 33.42 12.18
CA GLY B 40 39.56 32.20 11.77
C GLY B 40 39.41 31.07 12.80
N ALA B 41 38.20 30.95 13.35
CA ALA B 41 37.86 29.85 14.25
C ALA B 41 37.08 28.78 13.48
N LEU B 42 37.54 27.53 13.56
CA LEU B 42 37.01 26.46 12.74
C LEU B 42 35.81 25.82 13.44
N LEU B 43 34.63 25.97 12.83
CA LEU B 43 33.41 25.33 13.28
C LEU B 43 33.38 23.91 12.73
N LEU B 44 32.91 22.96 13.56
CA LEU B 44 32.80 21.57 13.16
C LEU B 44 31.44 21.02 13.57
N GLY B 45 30.76 20.40 12.59
CA GLY B 45 29.63 19.51 12.85
C GLY B 45 30.06 18.07 12.66
N ALA B 46 29.34 17.14 13.31
CA ALA B 46 29.66 15.72 13.23
C ALA B 46 28.44 14.90 13.62
N SER B 47 28.27 13.75 12.95
CA SER B 47 27.18 12.83 13.21
C SER B 47 27.74 11.43 13.47
N SER B 48 27.01 10.65 14.27
CA SER B 48 27.21 9.21 14.34
C SER B 48 26.22 8.53 13.40
N LEU B 49 26.74 7.98 12.30
CA LEU B 49 25.94 7.28 11.32
C LEU B 49 26.11 5.77 11.49
N SER B 50 26.63 5.35 12.64
CA SER B 50 26.86 3.96 12.96
C SER B 50 26.81 3.77 14.47
N GLY B 51 26.52 2.54 14.90
CA GLY B 51 26.58 2.18 16.32
C GLY B 51 25.27 2.43 17.03
N ARG B 52 25.31 2.28 18.37
CA ARG B 52 24.14 2.27 19.22
C ARG B 52 23.33 3.55 19.05
N CYS B 53 24.01 4.70 19.15
CA CYS B 53 23.36 5.99 19.23
C CYS B 53 23.65 6.81 17.97
N TRP B 54 22.58 7.21 17.26
CA TRP B 54 22.69 8.04 16.08
C TRP B 54 22.32 9.48 16.43
N ALA B 55 23.29 10.22 16.96
CA ALA B 55 23.12 11.61 17.33
C ALA B 55 24.21 12.45 16.67
N GLY B 56 24.17 13.78 16.90
CA GLY B 56 25.13 14.70 16.32
C GLY B 56 25.73 15.62 17.39
N SER B 57 26.62 16.51 16.95
CA SER B 57 27.30 17.44 17.86
C SER B 57 27.83 18.64 17.09
N LEU B 58 28.15 19.71 17.84
CA LEU B 58 28.74 20.92 17.30
C LEU B 58 29.99 21.24 18.12
N TRP B 59 31.03 21.73 17.43
CA TRP B 59 32.33 21.99 18.05
C TRP B 59 32.93 23.28 17.52
N LEU B 60 33.79 23.92 18.33
CA LEU B 60 34.50 25.12 17.92
C LEU B 60 35.99 24.93 18.21
N PHE B 61 36.84 25.42 17.29
CA PHE B 61 38.27 25.31 17.40
C PHE B 61 38.93 26.65 17.07
N LYS B 62 39.29 27.39 18.12
CA LYS B 62 40.08 28.61 17.99
C LYS B 62 41.49 28.27 17.50
N ASP B 63 41.92 27.03 17.75
CA ASP B 63 43.13 26.47 17.16
C ASP B 63 42.72 25.47 16.08
N PRO B 64 42.79 25.82 14.78
CA PRO B 64 42.39 24.91 13.70
C PRO B 64 43.19 23.62 13.62
N CYS B 65 44.46 23.67 14.05
CA CYS B 65 45.37 22.54 13.95
C CYS B 65 45.12 21.52 15.06
N ALA B 66 44.33 21.89 16.08
CA ALA B 66 44.05 21.03 17.21
C ALA B 66 42.94 20.03 16.88
N ALA B 67 42.24 20.27 15.76
CA ALA B 67 41.09 19.47 15.38
C ALA B 67 41.54 18.10 14.89
N PRO B 68 40.74 17.01 15.09
CA PRO B 68 39.47 17.07 15.82
C PRO B 68 39.52 16.54 17.25
N ASN B 69 40.53 16.96 18.01
CA ASN B 69 40.75 16.48 19.37
C ASN B 69 39.80 17.20 20.33
N GLU B 70 39.07 16.42 21.14
CA GLU B 70 37.99 16.94 21.97
C GLU B 70 38.57 17.65 23.21
N GLY B 71 39.79 17.28 23.60
CA GLY B 71 40.43 17.81 24.79
C GLY B 71 40.92 19.25 24.61
N PHE B 72 41.03 19.70 23.34
CA PHE B 72 41.53 21.02 23.02
C PHE B 72 40.51 21.75 22.13
N CYS B 73 39.34 22.03 22.70
CA CYS B 73 38.28 22.74 22.00
C CYS B 73 37.79 23.92 22.83
N SER B 74 37.39 24.99 22.14
CA SER B 74 36.87 26.18 22.77
C SER B 74 35.44 25.93 23.25
N ALA B 75 34.62 25.36 22.36
CA ALA B 75 33.23 25.06 22.66
C ALA B 75 32.85 23.69 22.08
N GLY B 76 31.76 23.12 22.62
CA GLY B 76 31.24 21.84 22.16
C GLY B 76 29.90 21.54 22.81
N VAL B 77 29.01 20.86 22.06
CA VAL B 77 27.69 20.52 22.58
C VAL B 77 27.16 19.29 21.83
N GLN B 78 26.35 18.50 22.54
CA GLN B 78 25.68 17.33 21.99
C GLN B 78 24.27 17.73 21.57
N THR B 79 23.88 17.35 20.34
CA THR B 79 22.55 17.63 19.83
C THR B 79 21.70 16.37 19.94
N GLU B 80 20.38 16.54 19.83
CA GLU B 80 19.42 15.45 19.98
C GLU B 80 19.62 14.41 18.88
N ALA B 81 19.79 14.90 17.64
CA ALA B 81 19.89 14.04 16.47
C ALA B 81 21.12 14.43 15.65
N GLY B 82 21.30 13.75 14.51
CA GLY B 82 22.46 13.96 13.65
C GLY B 82 22.46 15.36 13.03
N VAL B 83 23.62 15.75 12.50
CA VAL B 83 23.81 17.05 11.87
C VAL B 83 24.04 16.82 10.38
N ALA B 84 23.03 17.11 9.56
CA ALA B 84 23.10 16.90 8.13
C ALA B 84 23.86 18.05 7.47
N ASP B 85 23.57 19.29 7.89
CA ASP B 85 24.23 20.46 7.33
C ASP B 85 24.12 21.62 8.31
N LEU B 86 25.15 22.49 8.29
CA LEU B 86 25.16 23.70 9.10
C LEU B 86 25.86 24.82 8.33
N THR B 87 25.77 26.04 8.88
CA THR B 87 26.51 27.18 8.35
C THR B 87 26.53 28.28 9.41
N TRP B 88 27.44 29.25 9.22
CA TRP B 88 27.59 30.36 10.14
C TRP B 88 26.44 31.34 9.98
N VAL B 89 25.91 31.81 11.12
CA VAL B 89 25.00 32.94 11.16
C VAL B 89 25.77 34.13 11.72
N GLY B 90 26.79 34.56 10.96
CA GLY B 90 27.65 35.66 11.37
C GLY B 90 28.82 35.17 12.22
N GLU B 91 28.78 35.49 13.52
CA GLU B 91 29.89 35.25 14.42
C GLU B 91 29.48 34.30 15.56
N ARG B 92 28.31 34.55 16.14
CA ARG B 92 27.84 33.79 17.31
C ARG B 92 26.97 32.62 16.88
N GLY B 93 26.01 32.87 15.99
CA GLY B 93 24.94 31.94 15.70
C GLY B 93 25.38 30.79 14.80
N ILE B 94 24.79 29.60 15.05
CA ILE B 94 25.00 28.42 14.23
C ILE B 94 23.64 27.79 13.93
N LEU B 95 23.30 27.68 12.64
CA LEU B 95 22.02 27.11 12.23
C LEU B 95 22.24 25.69 11.73
N VAL B 96 21.39 24.76 12.20
CA VAL B 96 21.61 23.34 12.00
C VAL B 96 20.44 22.74 11.21
N ALA B 97 20.77 21.79 10.33
CA ALA B 97 19.79 20.97 9.63
C ALA B 97 19.81 19.57 10.26
N SER B 98 18.74 19.25 11.02
CA SER B 98 18.71 18.04 11.82
C SER B 98 17.91 16.95 11.11
N ASP B 99 18.17 15.70 11.51
CA ASP B 99 17.50 14.53 10.95
C ASP B 99 16.09 14.42 11.51
N SER B 100 15.86 15.03 12.68
CA SER B 100 14.59 14.96 13.38
C SER B 100 13.47 15.66 12.59
N GLY B 101 13.86 16.53 11.64
CA GLY B 101 12.93 17.36 10.90
C GLY B 101 12.94 18.79 11.42
N ALA B 102 13.75 19.03 12.47
CA ALA B 102 13.86 20.34 13.07
C ALA B 102 15.04 21.09 12.46
N VAL B 103 14.82 22.39 12.19
CA VAL B 103 15.90 23.32 11.93
C VAL B 103 16.26 23.98 13.25
N GLU B 104 17.50 23.78 13.71
CA GLU B 104 17.93 24.25 15.02
C GLU B 104 18.85 25.46 14.85
N LEU B 105 18.73 26.41 15.78
CA LEU B 105 19.65 27.53 15.89
C LEU B 105 20.29 27.50 17.27
N TRP B 106 21.63 27.51 17.30
CA TRP B 106 22.40 27.61 18.52
C TRP B 106 23.16 28.92 18.51
N GLU B 107 23.45 29.45 19.71
CA GLU B 107 24.17 30.71 19.86
C GLU B 107 25.31 30.54 20.87
N LEU B 108 26.51 30.97 20.47
CA LEU B 108 27.65 31.04 21.37
C LEU B 108 27.37 32.08 22.45
N ASP B 109 27.84 31.81 23.68
CA ASP B 109 27.72 32.76 24.78
C ASP B 109 28.79 33.83 24.62
N GLU B 110 28.75 34.84 25.51
CA GLU B 110 29.62 36.01 25.40
C GLU B 110 31.08 35.62 25.63
N ASN B 111 31.31 34.58 26.43
CA ASN B 111 32.65 34.06 26.65
C ASN B 111 33.07 33.16 25.50
N GLU B 112 32.08 32.56 24.81
CA GLU B 112 32.31 31.65 23.70
C GLU B 112 32.97 30.37 24.23
N THR B 113 32.35 29.78 25.25
CA THR B 113 32.78 28.51 25.81
C THR B 113 31.63 27.50 25.75
N LEU B 114 30.39 27.98 25.96
CA LEU B 114 29.20 27.14 25.88
C LEU B 114 28.49 27.38 24.55
N ILE B 115 27.50 26.51 24.26
CA ILE B 115 26.63 26.64 23.10
C ILE B 115 25.21 26.31 23.55
N VAL B 116 24.38 27.35 23.73
CA VAL B 116 23.01 27.18 24.21
C VAL B 116 22.07 27.17 23.00
N SER B 117 21.01 26.35 23.07
CA SER B 117 20.05 26.22 22.00
C SER B 117 19.13 27.44 21.97
N LYS B 118 19.11 28.14 20.82
CA LYS B 118 18.27 29.31 20.63
C LYS B 118 16.85 28.86 20.29
N PHE B 119 16.70 28.16 19.15
CA PHE B 119 15.42 27.57 18.77
C PHE B 119 15.66 26.20 18.15
N CYS B 120 14.57 25.43 18.05
CA CYS B 120 14.59 24.08 17.53
C CYS B 120 13.17 23.72 17.09
N LYS B 121 12.84 24.04 15.83
CA LYS B 121 11.47 23.99 15.34
C LYS B 121 11.28 22.80 14.41
N TYR B 122 10.47 21.83 14.86
CA TYR B 122 10.11 20.67 14.06
C TYR B 122 9.01 21.08 13.09
N GLU B 123 9.39 21.36 11.84
CA GLU B 123 8.44 21.78 10.82
C GLU B 123 8.49 20.85 9.60
N HIS B 124 9.71 20.46 9.19
CA HIS B 124 9.88 19.45 8.15
C HIS B 124 9.38 18.10 8.65
N ASP B 125 8.84 17.30 7.73
CA ASP B 125 8.27 16.00 8.04
C ASP B 125 9.32 14.90 7.82
N ASP B 126 10.50 15.27 7.35
CA ASP B 126 11.59 14.32 7.13
C ASP B 126 12.92 15.03 7.39
N ILE B 127 14.02 14.27 7.28
CA ILE B 127 15.36 14.76 7.49
C ILE B 127 15.54 16.09 6.75
N VAL B 128 16.08 17.09 7.47
CA VAL B 128 16.50 18.35 6.88
C VAL B 128 17.93 18.18 6.39
N SER B 129 18.14 18.24 5.07
CA SER B 129 19.40 17.85 4.46
C SER B 129 20.30 19.06 4.23
N THR B 130 19.71 20.21 3.85
CA THR B 130 20.47 21.38 3.45
C THR B 130 19.85 22.63 4.07
N VAL B 131 20.72 23.62 4.35
CA VAL B 131 20.29 24.90 4.90
C VAL B 131 21.26 25.98 4.45
N SER B 132 20.75 27.21 4.31
CA SER B 132 21.56 28.35 3.88
C SER B 132 20.94 29.65 4.38
N VAL B 133 21.82 30.59 4.79
CA VAL B 133 21.40 31.86 5.37
C VAL B 133 21.42 32.93 4.27
N LEU B 134 20.32 33.70 4.20
CA LEU B 134 20.15 34.70 3.16
C LEU B 134 20.93 35.96 3.51
N SER B 135 20.96 36.93 2.58
CA SER B 135 21.81 38.11 2.67
C SER B 135 21.56 38.91 3.94
N SER B 136 20.28 39.09 4.30
CA SER B 136 19.90 39.96 5.40
C SER B 136 20.52 39.47 6.71
N GLY B 137 20.55 38.14 6.91
CA GLY B 137 21.12 37.55 8.11
C GLY B 137 20.06 37.30 9.19
N THR B 138 18.82 37.73 8.92
CA THR B 138 17.68 37.48 9.79
C THR B 138 16.76 36.45 9.15
N GLN B 139 17.22 35.83 8.06
CA GLN B 139 16.42 34.87 7.30
C GLN B 139 17.32 33.75 6.79
N ALA B 140 16.70 32.58 6.56
CA ALA B 140 17.38 31.42 6.01
C ALA B 140 16.38 30.56 5.24
N VAL B 141 16.90 29.66 4.41
CA VAL B 141 16.09 28.73 3.64
C VAL B 141 16.63 27.32 3.88
N SER B 142 15.71 26.36 4.06
CA SER B 142 16.06 24.97 4.32
C SER B 142 15.46 24.08 3.23
N GLY B 143 16.11 22.93 3.01
CA GLY B 143 15.62 21.91 2.10
C GLY B 143 15.64 20.54 2.77
N SER B 144 14.56 19.76 2.58
CA SER B 144 14.36 18.51 3.27
C SER B 144 14.01 17.40 2.27
N LYS B 145 13.98 16.17 2.77
CA LYS B 145 13.66 14.99 1.98
C LYS B 145 12.14 14.88 1.80
N ASP B 146 11.37 15.62 2.62
CA ASP B 146 9.93 15.70 2.47
C ASP B 146 9.57 16.54 1.25
N ILE B 147 10.58 17.04 0.53
CA ILE B 147 10.45 17.61 -0.80
C ILE B 147 10.17 19.11 -0.70
N CYS B 148 9.83 19.60 0.50
CA CYS B 148 9.48 21.00 0.71
C CYS B 148 10.74 21.87 0.77
N ILE B 149 10.53 23.18 0.59
CA ILE B 149 11.52 24.20 0.87
C ILE B 149 10.83 25.29 1.69
N LYS B 150 11.45 25.67 2.81
CA LYS B 150 10.83 26.59 3.77
C LYS B 150 11.71 27.82 3.96
N VAL B 151 11.06 28.97 4.17
CA VAL B 151 11.73 30.23 4.42
C VAL B 151 11.49 30.63 5.89
N TRP B 152 12.59 30.85 6.62
CA TRP B 152 12.54 31.07 8.06
C TRP B 152 12.82 32.53 8.38
N ASP B 153 12.31 32.98 9.53
CA ASP B 153 12.75 34.22 10.16
C ASP B 153 13.44 33.86 11.48
N LEU B 154 14.72 34.24 11.60
CA LEU B 154 15.55 33.82 12.72
C LEU B 154 15.24 34.67 13.94
N ALA B 155 14.52 35.78 13.75
CA ALA B 155 14.15 36.67 14.85
C ALA B 155 12.88 36.18 15.54
N GLN B 156 11.79 36.04 14.76
CA GLN B 156 10.50 35.62 15.29
C GLN B 156 10.46 34.12 15.50
N GLN B 157 11.36 33.38 14.83
CA GLN B 157 11.49 31.94 14.97
C GLN B 157 10.22 31.26 14.46
N VAL B 158 9.87 31.54 13.20
CA VAL B 158 8.71 30.95 12.55
C VAL B 158 9.00 30.77 11.07
N VAL B 159 8.18 29.96 10.41
CA VAL B 159 8.28 29.72 8.97
C VAL B 159 7.44 30.78 8.26
N LEU B 160 8.09 31.54 7.37
CA LEU B 160 7.42 32.58 6.61
C LEU B 160 6.62 31.95 5.47
N SER B 161 7.28 31.06 4.72
CA SER B 161 6.67 30.43 3.55
C SER B 161 7.05 28.94 3.49
N SER B 162 6.22 28.15 2.81
CA SER B 162 6.48 26.75 2.57
C SER B 162 6.19 26.42 1.10
N TYR B 163 7.17 25.80 0.43
CA TYR B 163 7.10 25.59 -1.01
C TYR B 163 7.36 24.12 -1.36
N ARG B 164 6.33 23.47 -1.91
CA ARG B 164 6.49 22.17 -2.56
C ARG B 164 6.60 22.41 -4.07
N ALA B 165 7.81 22.75 -4.51
CA ALA B 165 8.07 23.03 -5.92
C ALA B 165 8.65 21.79 -6.61
N HIS B 166 9.53 21.06 -5.89
CA HIS B 166 10.15 19.87 -6.42
C HIS B 166 9.22 18.67 -6.28
N ALA B 167 9.60 17.57 -6.93
CA ALA B 167 8.83 16.33 -6.91
C ALA B 167 9.66 15.19 -6.31
N ALA B 168 10.77 15.54 -5.64
CA ALA B 168 11.65 14.56 -5.03
C ALA B 168 12.47 15.23 -3.93
N GLN B 169 13.34 14.46 -3.28
CA GLN B 169 14.16 14.95 -2.18
C GLN B 169 14.97 16.16 -2.64
N VAL B 170 14.95 17.22 -1.82
CA VAL B 170 15.76 18.41 -2.06
C VAL B 170 17.16 18.11 -1.56
N THR B 171 18.15 18.33 -2.44
CA THR B 171 19.54 17.94 -2.17
C THR B 171 20.28 19.13 -1.56
N CYS B 172 20.27 20.26 -2.29
CA CYS B 172 21.09 21.41 -1.94
C CYS B 172 20.32 22.70 -2.19
N VAL B 173 20.41 23.64 -1.23
CA VAL B 173 19.90 24.98 -1.41
C VAL B 173 21.05 25.94 -1.13
N ALA B 174 21.07 27.07 -1.86
CA ALA B 174 22.18 28.02 -1.77
C ALA B 174 21.67 29.45 -1.99
N ALA B 175 21.77 30.27 -0.94
CA ALA B 175 21.31 31.64 -0.96
C ALA B 175 22.24 32.49 -1.82
N SER B 176 21.64 33.43 -2.59
CA SER B 176 22.40 34.41 -3.34
C SER B 176 23.20 35.28 -2.36
N PRO B 177 24.50 35.53 -2.62
CA PRO B 177 25.35 36.24 -1.66
C PRO B 177 24.95 37.70 -1.40
N HIS B 178 24.37 38.37 -2.40
CA HIS B 178 24.09 39.79 -2.31
C HIS B 178 22.61 40.12 -2.52
N LYS B 179 21.76 39.09 -2.68
CA LYS B 179 20.34 39.30 -2.91
C LYS B 179 19.54 38.45 -1.93
N ASP B 180 18.68 39.12 -1.14
CA ASP B 180 18.00 38.50 -0.02
C ASP B 180 16.89 37.58 -0.50
N SER B 181 16.19 37.99 -1.57
CA SER B 181 14.99 37.31 -2.04
C SER B 181 15.35 36.13 -2.95
N VAL B 182 16.60 36.05 -3.39
CA VAL B 182 17.02 35.08 -4.38
C VAL B 182 17.77 33.93 -3.72
N PHE B 183 17.53 32.70 -4.21
CA PHE B 183 18.30 31.54 -3.80
C PHE B 183 18.13 30.43 -4.85
N LEU B 184 19.12 29.54 -4.93
CA LEU B 184 19.07 28.37 -5.78
C LEU B 184 18.58 27.17 -4.98
N SER B 185 18.10 26.14 -5.70
CA SER B 185 17.82 24.85 -5.11
C SER B 185 17.96 23.77 -6.19
N CYS B 186 18.23 22.54 -5.75
CA CYS B 186 18.32 21.41 -6.66
C CYS B 186 17.81 20.16 -5.94
N SER B 187 17.32 19.20 -6.74
CA SER B 187 16.60 18.05 -6.21
C SER B 187 16.80 16.84 -7.13
N GLU B 188 16.40 15.67 -6.64
CA GLU B 188 16.55 14.41 -7.36
C GLU B 188 15.52 14.31 -8.49
N ASP B 189 14.59 15.27 -8.58
CA ASP B 189 13.67 15.36 -9.70
C ASP B 189 14.38 15.93 -10.93
N ASN B 190 15.69 16.20 -10.79
CA ASN B 190 16.54 16.63 -11.89
C ASN B 190 16.20 18.07 -12.26
N ARG B 191 15.84 18.87 -11.24
CA ARG B 191 15.52 20.28 -11.43
C ARG B 191 16.51 21.14 -10.66
N ILE B 192 16.96 22.22 -11.31
CA ILE B 192 17.67 23.31 -10.65
C ILE B 192 16.77 24.55 -10.72
N LEU B 193 16.17 24.90 -9.57
CA LEU B 193 15.24 26.02 -9.50
C LEU B 193 15.96 27.28 -9.00
N LEU B 194 15.82 28.38 -9.76
CA LEU B 194 16.27 29.69 -9.34
C LEU B 194 15.07 30.47 -8.81
N TRP B 195 15.16 30.91 -7.55
CA TRP B 195 14.02 31.48 -6.85
C TRP B 195 14.14 33.01 -6.79
N ASP B 196 13.01 33.65 -6.48
CA ASP B 196 12.91 35.08 -6.25
C ASP B 196 11.54 35.35 -5.63
N THR B 197 11.53 35.56 -4.30
CA THR B 197 10.29 35.53 -3.53
C THR B 197 9.39 36.72 -3.85
N ARG B 198 9.90 37.67 -4.65
CA ARG B 198 9.13 38.84 -5.03
C ARG B 198 8.07 38.47 -6.08
N CYS B 199 8.34 37.44 -6.89
CA CYS B 199 7.45 37.01 -7.95
C CYS B 199 6.31 36.17 -7.37
N PRO B 200 5.10 36.19 -7.97
CA PRO B 200 3.99 35.32 -7.53
C PRO B 200 4.34 33.84 -7.64
N LYS B 201 4.85 33.44 -8.81
CA LYS B 201 5.49 32.15 -9.01
C LYS B 201 7.00 32.36 -8.84
N PRO B 202 7.55 32.10 -7.62
CA PRO B 202 8.95 32.45 -7.34
C PRO B 202 9.99 31.59 -8.05
N ALA B 203 9.69 30.30 -8.22
CA ALA B 203 10.65 29.35 -8.77
C ALA B 203 10.75 29.52 -10.28
N SER B 204 11.97 29.32 -10.81
CA SER B 204 12.23 29.35 -12.24
C SER B 204 13.22 28.24 -12.59
N GLN B 205 12.79 27.31 -13.45
CA GLN B 205 13.57 26.15 -13.79
C GLN B 205 14.62 26.53 -14.82
N ILE B 206 15.89 26.22 -14.52
CA ILE B 206 17.00 26.49 -15.42
C ILE B 206 17.19 25.27 -16.32
N GLY B 207 17.19 25.52 -17.64
CA GLY B 207 17.33 24.45 -18.63
C GLY B 207 18.79 24.17 -18.93
N GLY B 212 20.61 16.11 -17.45
CA GLY B 212 20.81 14.68 -17.74
C GLY B 212 21.04 13.87 -16.46
N TYR B 213 22.07 14.29 -15.70
CA TYR B 213 22.40 13.65 -14.42
C TYR B 213 21.96 14.58 -13.29
N LEU B 214 21.58 13.96 -12.16
CA LEU B 214 20.93 14.67 -11.07
C LEU B 214 21.89 15.69 -10.47
N PRO B 215 21.40 16.91 -10.13
CA PRO B 215 22.23 17.91 -9.45
C PRO B 215 22.33 17.63 -7.95
N THR B 216 23.54 17.75 -7.40
CA THR B 216 23.81 17.36 -6.02
C THR B 216 24.35 18.53 -5.20
N SER B 217 25.02 19.50 -5.84
CA SER B 217 25.66 20.59 -5.13
C SER B 217 25.56 21.89 -5.92
N LEU B 218 25.48 23.01 -5.19
CA LEU B 218 25.34 24.34 -5.77
C LEU B 218 26.34 25.29 -5.11
N ALA B 219 26.76 26.31 -5.85
CA ALA B 219 27.65 27.33 -5.32
C ALA B 219 27.57 28.60 -6.18
N TRP B 220 27.07 29.68 -5.57
CA TRP B 220 27.06 31.00 -6.21
C TRP B 220 28.50 31.48 -6.38
N HIS B 221 28.74 32.23 -7.47
CA HIS B 221 30.01 32.90 -7.68
C HIS B 221 30.07 34.11 -6.75
N PRO B 222 31.19 34.36 -6.03
CA PRO B 222 31.25 35.41 -5.02
C PRO B 222 31.29 36.84 -5.58
N GLN B 223 31.84 36.99 -6.79
CA GLN B 223 32.05 38.31 -7.38
C GLN B 223 31.05 38.59 -8.49
N GLN B 224 30.25 37.58 -8.89
CA GLN B 224 29.28 37.73 -9.96
C GLN B 224 27.92 37.24 -9.47
N SER B 225 26.92 38.12 -9.53
CA SER B 225 25.61 37.87 -8.95
C SER B 225 24.75 37.01 -9.88
N GLU B 226 25.19 36.84 -11.14
CA GLU B 226 24.41 36.14 -12.14
C GLU B 226 25.04 34.80 -12.51
N VAL B 227 26.12 34.42 -11.81
CA VAL B 227 26.85 33.21 -12.13
C VAL B 227 26.76 32.24 -10.96
N PHE B 228 26.70 30.94 -11.27
CA PHE B 228 26.76 29.87 -10.28
C PHE B 228 27.33 28.62 -10.93
N VAL B 229 27.83 27.70 -10.09
CA VAL B 229 28.32 26.41 -10.53
C VAL B 229 27.52 25.32 -9.82
N PHE B 230 27.38 24.16 -10.46
CA PHE B 230 26.71 23.03 -9.85
C PHE B 230 27.49 21.75 -10.14
N GLY B 231 27.53 20.86 -9.15
CA GLY B 231 28.09 19.52 -9.31
C GLY B 231 26.98 18.48 -9.29
N ASP B 232 27.13 17.44 -10.14
CA ASP B 232 26.09 16.44 -10.34
C ASP B 232 26.53 15.11 -9.71
N GLU B 233 25.65 14.11 -9.82
CA GLU B 233 25.88 12.78 -9.26
C GLU B 233 26.96 12.04 -10.03
N ASN B 234 27.13 12.37 -11.32
CA ASN B 234 28.05 11.66 -12.20
C ASN B 234 29.48 12.17 -12.01
N GLY B 235 29.63 13.32 -11.35
CA GLY B 235 30.95 13.82 -10.97
C GLY B 235 31.34 15.07 -11.76
N THR B 236 30.51 15.47 -12.73
CA THR B 236 30.79 16.61 -13.58
C THR B 236 30.53 17.91 -12.80
N VAL B 237 31.48 18.84 -12.89
CA VAL B 237 31.34 20.18 -12.32
C VAL B 237 31.06 21.15 -13.47
N SER B 238 29.94 21.88 -13.37
CA SER B 238 29.47 22.74 -14.44
C SER B 238 29.62 24.21 -14.06
N LEU B 239 29.54 25.08 -15.09
CA LEU B 239 29.66 26.52 -14.93
C LEU B 239 28.55 27.20 -15.71
N VAL B 240 27.58 27.79 -14.98
CA VAL B 240 26.35 28.28 -15.58
C VAL B 240 26.24 29.78 -15.38
N ASP B 241 25.87 30.48 -16.47
CA ASP B 241 25.44 31.87 -16.41
C ASP B 241 23.92 31.91 -16.47
N THR B 242 23.30 32.84 -15.74
CA THR B 242 21.86 32.87 -15.59
C THR B 242 21.20 33.33 -16.90
N LYS B 243 21.94 34.10 -17.70
CA LYS B 243 21.43 34.61 -18.97
C LYS B 243 21.34 33.48 -19.99
N SER B 244 22.50 32.99 -20.45
CA SER B 244 22.55 31.94 -21.45
C SER B 244 22.85 30.59 -20.76
N CYS B 247 24.01 27.69 -23.35
CA CYS B 247 25.49 27.80 -23.36
C CYS B 247 26.04 27.64 -21.94
N VAL B 248 26.73 26.52 -21.70
CA VAL B 248 27.34 26.25 -20.40
C VAL B 248 28.69 25.58 -20.62
N LEU B 249 29.53 25.59 -19.58
CA LEU B 249 30.84 24.95 -19.60
C LEU B 249 30.92 23.96 -18.43
N SER B 250 31.66 22.86 -18.64
CA SER B 250 31.72 21.79 -17.66
C SER B 250 33.03 21.01 -17.81
N SER B 251 33.32 20.18 -16.80
CA SER B 251 34.50 19.33 -16.80
C SER B 251 34.29 18.14 -15.87
N ALA B 252 34.76 16.96 -16.31
CA ALA B 252 34.68 15.74 -15.52
C ALA B 252 35.81 15.73 -14.49
N VAL B 253 35.51 16.21 -13.28
CA VAL B 253 36.51 16.41 -12.24
C VAL B 253 36.62 15.14 -11.39
N HIS B 254 35.47 14.64 -10.92
CA HIS B 254 35.43 13.50 -10.02
C HIS B 254 34.87 12.28 -10.73
N SER B 255 35.12 11.10 -10.15
CA SER B 255 34.62 9.84 -10.65
C SER B 255 33.26 9.50 -10.04
N GLN B 256 32.90 10.20 -8.96
CA GLN B 256 31.64 9.97 -8.26
C GLN B 256 31.00 11.31 -7.88
N CYS B 257 29.81 11.22 -7.27
CA CYS B 257 28.97 12.36 -6.92
C CYS B 257 29.77 13.50 -6.28
N VAL B 258 29.44 14.73 -6.69
CA VAL B 258 30.04 15.93 -6.13
C VAL B 258 29.21 16.36 -4.92
N THR B 259 29.83 16.36 -3.74
CA THR B 259 29.14 16.56 -2.48
C THR B 259 28.99 18.05 -2.18
N GLY B 260 30.00 18.85 -2.56
CA GLY B 260 30.00 20.27 -2.27
C GLY B 260 30.96 21.06 -3.17
N LEU B 261 30.69 22.36 -3.29
CA LEU B 261 31.51 23.29 -4.05
C LEU B 261 31.68 24.57 -3.23
N VAL B 262 32.93 25.04 -3.09
CA VAL B 262 33.23 26.20 -2.26
C VAL B 262 34.31 27.04 -2.95
N PHE B 263 33.98 28.30 -3.24
CA PHE B 263 34.90 29.24 -3.86
C PHE B 263 35.85 29.80 -2.81
N SER B 264 37.07 30.15 -3.26
CA SER B 264 38.08 30.73 -2.39
C SER B 264 37.78 32.22 -2.16
N PRO B 265 38.37 32.86 -1.12
CA PRO B 265 38.15 34.29 -0.87
C PRO B 265 38.99 35.24 -1.74
N HIS B 266 39.71 34.69 -2.72
CA HIS B 266 40.52 35.49 -3.64
C HIS B 266 39.62 36.39 -4.49
N SER B 267 40.21 37.44 -5.05
CA SER B 267 39.53 38.34 -5.98
C SER B 267 39.21 37.59 -7.27
N VAL B 268 40.20 36.83 -7.77
CA VAL B 268 40.00 35.85 -8.82
C VAL B 268 39.88 34.48 -8.14
N PRO B 269 38.64 33.98 -7.87
CA PRO B 269 38.46 32.82 -6.99
C PRO B 269 38.85 31.48 -7.61
N PHE B 270 39.31 30.57 -6.74
CA PHE B 270 39.52 29.17 -7.09
C PHE B 270 38.37 28.36 -6.49
N LEU B 271 37.89 27.37 -7.25
CA LEU B 271 36.79 26.52 -6.81
C LEU B 271 37.36 25.23 -6.25
N ALA B 272 36.97 24.89 -5.01
CA ALA B 272 37.33 23.63 -4.38
C ALA B 272 36.14 22.67 -4.47
N SER B 273 36.37 21.50 -5.08
CA SER B 273 35.34 20.50 -5.29
C SER B 273 35.67 19.24 -4.47
N LEU B 274 34.65 18.72 -3.77
CA LEU B 274 34.76 17.51 -2.99
C LEU B 274 33.76 16.49 -3.53
N SER B 275 33.96 15.22 -3.16
CA SER B 275 33.20 14.12 -3.77
C SER B 275 33.21 12.89 -2.88
N GLU B 276 32.50 11.85 -3.34
CA GLU B 276 32.42 10.57 -2.65
C GLU B 276 33.51 9.62 -3.17
N ASP B 277 34.33 10.09 -4.12
CA ASP B 277 35.47 9.34 -4.60
C ASP B 277 36.68 9.54 -3.69
N CYS B 278 36.46 10.23 -2.56
CA CYS B 278 37.47 10.41 -1.53
C CYS B 278 38.65 11.21 -2.07
N SER B 279 38.35 12.35 -2.68
CA SER B 279 39.38 13.23 -3.21
C SER B 279 38.94 14.69 -3.13
N LEU B 280 39.91 15.59 -3.33
CA LEU B 280 39.67 17.02 -3.39
C LEU B 280 40.39 17.57 -4.63
N ALA B 281 39.73 18.47 -5.34
CA ALA B 281 40.30 19.11 -6.52
C ALA B 281 40.04 20.61 -6.47
N VAL B 282 41.09 21.40 -6.72
CA VAL B 282 40.98 22.84 -6.78
C VAL B 282 41.08 23.26 -8.25
N LEU B 283 40.05 23.96 -8.74
CA LEU B 283 39.93 24.31 -10.14
C LEU B 283 40.07 25.83 -10.30
N ASP B 284 40.40 26.26 -11.52
CA ASP B 284 40.57 27.68 -11.82
C ASP B 284 39.24 28.23 -12.34
N SER B 285 39.30 29.30 -13.15
CA SER B 285 38.11 29.96 -13.66
C SER B 285 37.52 29.17 -14.83
N SER B 286 38.36 28.42 -15.55
CA SER B 286 37.93 27.66 -16.70
C SER B 286 37.84 26.16 -16.37
N LEU B 287 37.68 25.85 -15.08
CA LEU B 287 37.51 24.49 -14.60
C LEU B 287 38.66 23.60 -15.07
N SER B 288 39.89 24.12 -14.98
CA SER B 288 41.09 23.34 -15.23
C SER B 288 41.71 22.95 -13.89
N GLU B 289 42.18 21.70 -13.81
CA GLU B 289 42.65 21.14 -12.55
C GLU B 289 44.00 21.75 -12.19
N LEU B 290 44.07 22.34 -10.98
CA LEU B 290 45.30 22.91 -10.46
C LEU B 290 45.89 21.95 -9.42
N PHE B 291 45.08 21.62 -8.41
CA PHE B 291 45.52 20.80 -7.29
C PHE B 291 44.77 19.47 -7.30
N ARG B 292 45.37 18.46 -6.66
CA ARG B 292 44.72 17.18 -6.43
C ARG B 292 45.15 16.64 -5.08
N SER B 293 44.20 16.07 -4.32
CA SER B 293 44.48 15.57 -2.98
C SER B 293 43.67 14.31 -2.70
N GLN B 294 44.36 13.17 -2.61
CA GLN B 294 43.75 11.90 -2.23
C GLN B 294 44.13 11.60 -0.78
N ALA B 295 43.91 12.59 0.09
CA ALA B 295 44.32 12.51 1.49
C ALA B 295 43.33 11.66 2.28
N HIS B 296 42.04 11.90 2.05
CA HIS B 296 40.98 11.22 2.78
C HIS B 296 40.88 9.76 2.33
N ARG B 297 40.38 8.91 3.24
CA ARG B 297 40.12 7.51 2.95
C ARG B 297 38.61 7.24 2.86
N ASP B 298 37.79 8.20 3.32
CA ASP B 298 36.34 8.08 3.27
C ASP B 298 35.79 9.30 2.51
N PHE B 299 34.46 9.49 2.55
CA PHE B 299 33.82 10.55 1.78
C PHE B 299 34.26 11.92 2.31
N VAL B 300 34.54 12.83 1.38
CA VAL B 300 34.91 14.21 1.69
C VAL B 300 33.62 15.03 1.77
N ARG B 301 33.35 15.62 2.93
CA ARG B 301 32.02 16.14 3.22
C ARG B 301 31.96 17.67 3.11
N ASP B 302 33.07 18.36 3.42
CA ASP B 302 33.05 19.82 3.40
C ASP B 302 34.46 20.37 3.13
N ALA B 303 34.49 21.64 2.73
CA ALA B 303 35.73 22.39 2.55
C ALA B 303 35.50 23.84 3.00
N THR B 304 36.54 24.44 3.59
CA THR B 304 36.46 25.81 4.06
C THR B 304 37.84 26.47 3.96
N TRP B 305 37.88 27.60 3.24
CA TRP B 305 39.11 28.35 3.03
C TRP B 305 39.43 29.19 4.27
N SER B 306 40.71 29.21 4.66
CA SER B 306 41.16 30.00 5.80
C SER B 306 41.11 31.49 5.45
N PRO B 307 40.39 32.31 6.24
CA PRO B 307 40.25 33.73 5.92
C PRO B 307 41.54 34.52 6.18
N LEU B 308 42.37 34.01 7.10
CA LEU B 308 43.67 34.59 7.38
C LEU B 308 44.63 34.29 6.23
N ASN B 309 44.81 33.00 5.94
CA ASN B 309 45.70 32.55 4.87
C ASN B 309 44.84 31.96 3.74
N HIS B 310 44.77 32.69 2.62
CA HIS B 310 43.86 32.38 1.53
C HIS B 310 44.33 31.15 0.75
N SER B 311 45.58 30.71 0.97
CA SER B 311 46.14 29.56 0.27
C SER B 311 45.92 28.27 1.06
N LEU B 312 45.36 28.37 2.27
CA LEU B 312 45.06 27.21 3.08
C LEU B 312 43.59 26.83 2.92
N LEU B 313 43.34 25.51 2.88
CA LEU B 313 42.00 24.96 2.72
C LEU B 313 41.85 23.76 3.65
N THR B 314 40.77 23.76 4.45
CA THR B 314 40.53 22.70 5.42
C THR B 314 39.39 21.82 4.94
N THR B 315 39.65 20.50 4.89
CA THR B 315 38.63 19.52 4.51
C THR B 315 38.36 18.60 5.70
N VAL B 316 37.13 18.09 5.75
CA VAL B 316 36.74 17.09 6.74
C VAL B 316 36.02 15.95 6.02
N GLY B 317 36.07 14.75 6.61
CA GLY B 317 35.50 13.57 6.00
C GLY B 317 35.01 12.56 7.05
N TRP B 318 34.41 11.48 6.57
CA TRP B 318 33.86 10.43 7.44
C TRP B 318 34.98 9.57 8.03
N ASP B 319 36.20 9.71 7.49
CA ASP B 319 37.37 9.03 8.03
C ASP B 319 37.87 9.73 9.28
N HIS B 320 37.21 10.83 9.68
CA HIS B 320 37.46 11.52 10.93
C HIS B 320 38.80 12.26 10.87
N GLN B 321 39.20 12.68 9.66
CA GLN B 321 40.37 13.51 9.48
C GLN B 321 39.95 14.96 9.31
N VAL B 322 40.84 15.88 9.73
CA VAL B 322 40.69 17.30 9.47
C VAL B 322 41.99 17.77 8.80
N VAL B 323 42.05 17.64 7.48
CA VAL B 323 43.28 17.87 6.73
C VAL B 323 43.34 19.34 6.30
N HIS B 324 44.55 19.91 6.36
CA HIS B 324 44.80 21.30 5.97
C HIS B 324 45.71 21.32 4.75
N HIS B 325 45.17 21.77 3.61
CA HIS B 325 45.85 21.67 2.33
C HIS B 325 46.51 23.01 1.97
N VAL B 326 47.74 22.93 1.45
CA VAL B 326 48.46 24.10 0.97
C VAL B 326 48.24 24.22 -0.54
N VAL B 327 47.30 25.10 -0.93
CA VAL B 327 46.91 25.27 -2.31
C VAL B 327 47.93 26.18 -2.99
N PRO B 328 48.58 25.74 -4.10
CA PRO B 328 49.58 26.58 -4.79
C PRO B 328 48.94 27.74 -5.53
N THR B 329 49.03 28.94 -4.94
CA THR B 329 48.44 30.15 -5.49
C THR B 329 49.52 31.20 -5.61
C1 A1H8B C . -21.24 -18.31 7.34
C2 A1H8B C . -20.03 -18.94 7.32
C3 A1H8B C . -19.64 -19.77 6.31
C7 A1H8B C . -23.12 -22.10 4.27
C8 A1H8B C . -23.29 -23.17 3.20
C9 A1H8B C . -22.31 -22.73 2.08
C10 A1H8B C . -22.18 -21.20 2.31
C11 A1H8B C . -20.97 -23.42 2.15
C12 A1H8B C . -20.06 -23.52 3.20
C13 A1H8B C . -18.88 -24.23 3.02
C14 A1H8B C . -18.65 -24.83 1.80
C15 A1H8B C . -19.53 -24.75 0.75
C16 A1H8B C . -20.71 -24.04 0.94
C19 A1H8B C . -25.09 -23.52 0.12
C20 A1H8B C . -25.44 -24.52 -0.77
C21 A1H8B C . -26.65 -25.11 -0.29
C22 A1H8B C . -27.03 -24.44 0.87
C24 A1H8B C . -28.93 -25.83 1.06
F1 A1H8B C . -19.17 -18.73 8.36
C4 A1H8B C . -20.53 -19.98 5.26
C5 A1H8B C . -21.76 -19.36 5.23
C A1H8B C . -22.11 -18.52 6.29
C6 A1H8B C . -22.72 -19.58 4.09
N A1H8B C . -22.65 -20.93 3.53
O A1H8B C . -21.76 -20.39 1.50
N1 A1H8B C . -22.74 -23.05 0.70
C17 A1H8B C . -21.83 -23.78 0.01
O1 A1H8B C . -21.96 -24.16 -1.14
F A1H8B C . -17.49 -25.52 1.64
C18 A1H8B C . -23.97 -22.54 0.11
N2 A1H8B C . -26.07 -23.46 1.08
C23 A1H8B C . -28.17 -24.78 1.57
C25 A1H8B C . -28.51 -26.49 -0.13
N4 A1H8B C . -29.21 -27.51 -0.64
N3 A1H8B C . -27.37 -26.13 -0.80
CS MTA D . -31.62 -29.73 2.24
S5' MTA D . -30.07 -29.76 1.35
C5' MTA D . -30.54 -30.77 -0.08
C4' MTA D . -30.90 -32.20 0.28
O4' MTA D . -31.39 -32.89 -0.90
C2' MTA D . -29.53 -34.13 -0.25
O2' MTA D . -29.14 -35.36 0.31
C3' MTA D . -29.75 -33.04 0.82
O3' MTA D . -30.10 -33.60 2.08
C1' MTA D . -30.92 -34.22 -0.86
N9 MTA D . -30.95 -34.74 -2.22
C8 MTA D . -30.19 -34.29 -3.27
N7 MTA D . -30.42 -34.92 -4.40
C5 MTA D . -31.41 -35.84 -4.07
C6 MTA D . -32.08 -36.83 -4.82
N6 MTA D . -31.85 -37.03 -6.12
N1 MTA D . -33.00 -37.58 -4.18
C2 MTA D . -33.22 -37.36 -2.88
N3 MTA D . -32.65 -36.48 -2.07
C4 MTA D . -31.74 -35.74 -2.73
S SO4 E . 2.87 -5.98 12.23
O1 SO4 E . 2.94 -5.97 13.66
O2 SO4 E . 3.13 -7.31 11.75
O3 SO4 E . 1.57 -5.56 11.81
O4 SO4 E . 3.87 -5.08 11.70
#